data_1QGR
#
_entry.id   1QGR
#
_cell.length_a   57.896
_cell.length_b   101.167
_cell.length_c   83.831
_cell.angle_alpha   90.00
_cell.angle_beta   87.86
_cell.angle_gamma   90.00
#
_symmetry.space_group_name_H-M   'P 1 21 1'
#
loop_
_entity.id
_entity.type
_entity.pdbx_description
1 polymer 'PROTEIN (IMPORTIN BETA SUBUNIT)'
2 polymer 'PROTEIN (IMPORTIN ALPHA-2 SUBUNIT)'
3 water water
#
loop_
_entity_poly.entity_id
_entity_poly.type
_entity_poly.pdbx_seq_one_letter_code
_entity_poly.pdbx_strand_id
1 'polypeptide(L)'
;MELITILEKTVSPDRLELEAAQKFLERAAVENLPTFLVELSRVLANPGNSQVARVAAGLQIKNSLTSKDPDIKAQYQQRW
LAIDANARREVKNYVLHTLGTETYRPSSASQCVAGIACAEIPVNQWPELIPQLVANVTNPNSTEHMKESTLEAIGYICQD
IDPEQLQDKSNEILTAIIQGMRKEEPSNNVKLAATNALLNSLEFTKANFDKESERHFIMQVVCEATQCPDTRVRVAALQN
LVKIMSLYYQYMETYMGPALFAITIEAMKSDIDEVALQGIEFWSNVCDEEMDLAIEASEAAEQGRPPEHTSKFYAKGALQ
YLVPILTQTLTKQDENDDDDDWNPCKAAGVCLMLLATCCEDDIVPHVLPFIKEHIKNPDWRYRDAAVMAFGCILEGPEPS
QLKPLVIQAMPTLIELMKDPSVVVRDTAAWTVGRICELLPEAAINDVYLAPLLQCLIEGLSAEPRVASNVCWAFSSLAEA
AYEAADVADDQEEPATYCLSSSFELIVQKLLETTDRPDGHQNNLRSSAYESLMEIVKNSAKDCYPAVQKTTLVIMERLQQ
VLQMESHIQSTSDRIQFNDLQSLLCATLQNVLRKVQHQDALQISDVVMASLLRMFQSTAGSGGVQEDALMAVSTLVEVLG
GEFLKYMEAFKPFLGIGLKNYAEYQVCLAAVGLVGDLCRALQSNIIPFCDEVMQLLLENLGNENVHRSVKPQILSVFGDI
ALAIGGEFKKYLEVVLNTLQQASQAQVDKSDYDMVDYLNELRESCLEAYTGIVQGLKGDQENVHPDVMLVQPRVEFILSF
IDHIAGDEDHTDGVVACAAGLIGDLCTAFGKDVLKLVEARPMIHELLTEGRRSKTNKAKTLARWATKELRKLKNQA
;
A
2 'polypeptide(L)' RRRRIEVNVELRKAKKDDQMLKRRNVS B
#
# COMPACT_ATOMS: atom_id res chain seq x y z
N MET A 1 41.78 -10.71 24.38
CA MET A 1 40.49 -10.03 24.08
C MET A 1 39.32 -10.98 24.32
N GLU A 2 38.84 -11.05 25.57
CA GLU A 2 37.70 -11.92 25.88
C GLU A 2 36.47 -11.54 25.06
N LEU A 3 35.62 -12.52 24.79
CA LEU A 3 34.40 -12.27 24.03
C LEU A 3 33.57 -11.24 24.76
N ILE A 4 33.51 -11.34 26.09
CA ILE A 4 32.74 -10.40 26.88
C ILE A 4 33.25 -8.99 26.68
N THR A 5 34.56 -8.85 26.53
CA THR A 5 35.16 -7.54 26.32
C THR A 5 34.72 -6.98 24.96
N ILE A 6 34.88 -7.76 23.89
CA ILE A 6 34.49 -7.30 22.56
C ILE A 6 33.01 -6.91 22.48
N LEU A 7 32.14 -7.72 23.09
CA LEU A 7 30.70 -7.45 23.08
C LEU A 7 30.41 -6.11 23.76
N GLU A 8 31.11 -5.81 24.85
CA GLU A 8 30.89 -4.55 25.53
C GLU A 8 31.32 -3.37 24.67
N LYS A 9 32.25 -3.60 23.75
CA LYS A 9 32.73 -2.53 22.86
C LYS A 9 31.73 -2.19 21.78
N THR A 10 30.68 -3.00 21.60
CA THR A 10 29.68 -2.71 20.56
C THR A 10 28.78 -1.52 20.95
N VAL A 11 28.99 -0.99 22.14
CA VAL A 11 28.22 0.13 22.67
C VAL A 11 28.96 1.47 22.62
N SER A 12 30.20 1.45 22.15
CA SER A 12 31.02 2.65 22.06
C SER A 12 30.55 3.64 20.98
N PRO A 13 30.49 4.93 21.32
CA PRO A 13 30.07 5.96 20.36
C PRO A 13 31.25 6.34 19.47
N ASP A 14 32.20 5.41 19.36
CA ASP A 14 33.41 5.59 18.59
C ASP A 14 33.38 4.74 17.31
N ARG A 15 33.11 5.42 16.19
CA ARG A 15 33.03 4.79 14.87
C ARG A 15 34.09 3.70 14.65
N LEU A 16 35.34 4.01 14.98
CA LEU A 16 36.44 3.07 14.81
C LEU A 16 36.36 1.89 15.76
N GLU A 17 36.18 2.20 17.04
CA GLU A 17 36.06 1.18 18.07
C GLU A 17 34.88 0.28 17.75
N LEU A 18 33.80 0.91 17.32
CA LEU A 18 32.57 0.23 16.98
C LEU A 18 32.81 -0.67 15.78
N GLU A 19 33.65 -0.23 14.87
CA GLU A 19 33.97 -1.00 13.68
C GLU A 19 34.99 -2.12 13.96
N ALA A 20 35.83 -1.93 14.97
CA ALA A 20 36.82 -2.96 15.31
C ALA A 20 36.06 -4.15 15.91
N ALA A 21 35.17 -3.86 16.86
CA ALA A 21 34.37 -4.89 17.51
C ALA A 21 33.58 -5.68 16.48
N GLN A 22 33.08 -4.98 15.47
CA GLN A 22 32.28 -5.61 14.43
C GLN A 22 33.07 -6.55 13.55
N LYS A 23 34.24 -6.10 13.09
CA LYS A 23 35.07 -6.93 12.25
C LYS A 23 35.43 -8.21 13.00
N PHE A 24 35.74 -8.08 14.29
CA PHE A 24 36.10 -9.24 15.08
C PHE A 24 34.97 -10.25 15.18
N LEU A 25 33.75 -9.78 15.42
CA LEU A 25 32.60 -10.68 15.53
C LEU A 25 32.26 -11.27 14.15
N GLU A 26 32.27 -10.42 13.12
CA GLU A 26 32.03 -10.91 11.76
C GLU A 26 33.07 -11.96 11.36
N ARG A 27 34.31 -11.82 11.80
CA ARG A 27 35.35 -12.82 11.47
C ARG A 27 35.15 -14.12 12.26
N ALA A 28 34.82 -14.02 13.54
CA ALA A 28 34.57 -15.22 14.34
C ALA A 28 33.41 -16.03 13.72
N ALA A 29 32.34 -15.34 13.34
CA ALA A 29 31.18 -16.00 12.75
C ALA A 29 31.55 -16.67 11.42
N VAL A 30 32.24 -15.93 10.57
CA VAL A 30 32.65 -16.45 9.27
C VAL A 30 33.56 -17.65 9.48
N GLU A 31 34.47 -17.53 10.44
CA GLU A 31 35.44 -18.57 10.76
C GLU A 31 34.80 -19.88 11.22
N ASN A 32 33.91 -19.79 12.21
CA ASN A 32 33.26 -21.00 12.74
C ASN A 32 31.93 -20.62 13.39
N LEU A 33 30.89 -20.48 12.57
CA LEU A 33 29.56 -20.11 13.04
C LEU A 33 29.03 -20.92 14.22
N PRO A 34 29.08 -22.27 14.12
CA PRO A 34 28.57 -23.10 15.23
C PRO A 34 29.11 -22.70 16.60
N THR A 35 30.43 -22.67 16.73
CA THR A 35 31.03 -22.30 18.01
C THR A 35 30.73 -20.85 18.36
N PHE A 36 30.73 -19.97 17.37
CA PHE A 36 30.42 -18.56 17.60
C PHE A 36 29.05 -18.47 18.32
N LEU A 37 28.00 -19.03 17.72
CA LEU A 37 26.67 -19.02 18.32
C LEU A 37 26.60 -19.65 19.71
N VAL A 38 27.26 -20.80 19.86
CA VAL A 38 27.30 -21.49 21.14
C VAL A 38 27.93 -20.57 22.18
N GLU A 39 29.05 -19.96 21.79
CA GLU A 39 29.79 -19.05 22.65
C GLU A 39 28.95 -17.82 23.04
N LEU A 40 28.21 -17.29 22.07
CA LEU A 40 27.38 -16.14 22.36
C LEU A 40 26.26 -16.55 23.31
N SER A 41 25.66 -17.72 23.08
CA SER A 41 24.58 -18.16 23.94
C SER A 41 25.05 -18.39 25.37
N ARG A 42 26.31 -18.80 25.53
CA ARG A 42 26.85 -19.02 26.87
C ARG A 42 26.92 -17.70 27.60
N VAL A 43 27.36 -16.67 26.90
CA VAL A 43 27.46 -15.32 27.46
C VAL A 43 26.09 -14.81 27.90
N LEU A 44 25.11 -14.98 27.03
CA LEU A 44 23.75 -14.53 27.29
C LEU A 44 23.10 -15.27 28.45
N ALA A 45 23.44 -16.56 28.60
CA ALA A 45 22.85 -17.38 29.64
C ALA A 45 23.41 -17.19 31.04
N ASN A 46 24.55 -16.50 31.14
CA ASN A 46 25.20 -16.27 32.43
C ASN A 46 24.75 -14.97 33.10
N PRO A 47 23.92 -15.06 34.15
CA PRO A 47 23.49 -13.81 34.80
C PRO A 47 24.67 -13.08 35.44
N GLY A 48 25.82 -13.74 35.48
CA GLY A 48 27.00 -13.12 36.06
C GLY A 48 27.59 -12.06 35.15
N ASN A 49 27.21 -12.09 33.87
CA ASN A 49 27.72 -11.13 32.92
C ASN A 49 26.97 -9.83 32.99
N SER A 50 27.61 -8.76 32.52
CA SER A 50 26.97 -7.45 32.54
C SER A 50 25.76 -7.44 31.61
N GLN A 51 24.87 -6.49 31.87
CA GLN A 51 23.67 -6.31 31.07
C GLN A 51 24.05 -6.05 29.61
N VAL A 52 25.10 -5.26 29.41
CA VAL A 52 25.57 -4.93 28.07
C VAL A 52 26.07 -6.11 27.28
N ALA A 53 26.90 -6.96 27.89
CA ALA A 53 27.44 -8.11 27.20
C ALA A 53 26.34 -9.08 26.79
N ARG A 54 25.39 -9.31 27.69
CA ARG A 54 24.28 -10.23 27.47
C ARG A 54 23.36 -9.77 26.34
N VAL A 55 22.96 -8.51 26.39
CA VAL A 55 22.11 -7.95 25.35
C VAL A 55 22.84 -8.00 24.00
N ALA A 56 24.11 -7.57 23.98
CA ALA A 56 24.89 -7.61 22.76
C ALA A 56 25.02 -9.06 22.28
N ALA A 57 25.16 -10.00 23.21
CA ALA A 57 25.27 -11.42 22.82
C ALA A 57 23.95 -11.84 22.14
N GLY A 58 22.83 -11.47 22.76
CA GLY A 58 21.52 -11.79 22.21
C GLY A 58 21.29 -11.19 20.83
N LEU A 59 21.76 -9.97 20.63
CA LEU A 59 21.59 -9.30 19.35
C LEU A 59 22.39 -10.02 18.25
N GLN A 60 23.62 -10.45 18.57
CA GLN A 60 24.44 -11.18 17.60
C GLN A 60 23.73 -12.49 17.18
N ILE A 61 23.20 -13.20 18.15
CA ILE A 61 22.50 -14.42 17.87
C ILE A 61 21.30 -14.09 16.98
N LYS A 62 20.47 -13.15 17.43
CA LYS A 62 19.28 -12.75 16.66
C LYS A 62 19.60 -12.39 15.22
N ASN A 63 20.59 -11.51 15.03
CA ASN A 63 20.96 -11.08 13.68
C ASN A 63 21.54 -12.22 12.84
N SER A 64 21.91 -13.32 13.48
CA SER A 64 22.41 -14.47 12.73
C SER A 64 21.26 -15.35 12.26
N LEU A 65 20.09 -15.18 12.86
CA LEU A 65 18.92 -16.00 12.55
C LEU A 65 17.81 -15.39 11.71
N THR A 66 17.66 -14.07 11.76
CA THR A 66 16.60 -13.44 11.01
C THR A 66 17.04 -12.11 10.44
N SER A 67 16.18 -11.51 9.65
CA SER A 67 16.48 -10.24 9.00
C SER A 67 15.15 -9.62 8.62
N LYS A 68 15.13 -8.30 8.47
CA LYS A 68 13.90 -7.63 8.10
C LYS A 68 13.68 -7.81 6.61
N ASP A 69 14.70 -8.28 5.92
CA ASP A 69 14.61 -8.56 4.48
C ASP A 69 14.23 -10.02 4.38
N PRO A 70 13.01 -10.32 3.87
CA PRO A 70 12.50 -11.68 3.72
C PRO A 70 13.47 -12.65 3.06
N ASP A 71 14.18 -12.20 2.03
CA ASP A 71 15.11 -13.07 1.33
C ASP A 71 16.32 -13.42 2.19
N ILE A 72 16.87 -12.44 2.89
CA ILE A 72 18.03 -12.71 3.74
C ILE A 72 17.61 -13.63 4.88
N LYS A 73 16.37 -13.48 5.34
CA LYS A 73 15.85 -14.30 6.44
C LYS A 73 15.89 -15.79 6.08
N ALA A 74 15.31 -16.14 4.94
CA ALA A 74 15.27 -17.53 4.49
C ALA A 74 16.67 -18.13 4.37
N GLN A 75 17.62 -17.34 3.88
CA GLN A 75 18.98 -17.82 3.73
C GLN A 75 19.62 -18.10 5.08
N TYR A 76 19.35 -17.22 6.06
CA TYR A 76 19.87 -17.40 7.42
C TYR A 76 19.32 -18.67 8.06
N GLN A 77 18.02 -18.88 7.91
CA GLN A 77 17.37 -20.04 8.48
C GLN A 77 17.93 -21.32 7.85
N GLN A 78 18.17 -21.30 6.53
CA GLN A 78 18.75 -22.46 5.84
C GLN A 78 20.17 -22.70 6.36
N ARG A 79 20.92 -21.63 6.59
CA ARG A 79 22.28 -21.76 7.11
C ARG A 79 22.26 -22.33 8.53
N TRP A 80 21.26 -21.95 9.32
CA TRP A 80 21.17 -22.44 10.69
C TRP A 80 20.74 -23.92 10.67
N LEU A 81 19.82 -24.25 9.78
CA LEU A 81 19.33 -25.61 9.67
C LEU A 81 20.42 -26.54 9.18
N ALA A 82 21.48 -25.98 8.59
CA ALA A 82 22.60 -26.78 8.10
C ALA A 82 23.66 -27.03 9.18
N ILE A 83 23.46 -26.43 10.35
CA ILE A 83 24.40 -26.61 11.45
C ILE A 83 24.14 -27.92 12.20
N ASP A 84 25.22 -28.54 12.66
CA ASP A 84 25.19 -29.80 13.41
C ASP A 84 24.10 -29.72 14.48
N ALA A 85 23.14 -30.64 14.42
CA ALA A 85 22.02 -30.67 15.36
C ALA A 85 22.48 -30.60 16.82
N ASN A 86 23.63 -31.18 17.11
CA ASN A 86 24.15 -31.16 18.48
C ASN A 86 24.54 -29.73 18.88
N ALA A 87 25.11 -28.99 17.94
CA ALA A 87 25.51 -27.60 18.19
C ALA A 87 24.25 -26.75 18.40
N ARG A 88 23.25 -26.92 17.54
CA ARG A 88 22.01 -26.18 17.61
C ARG A 88 21.27 -26.50 18.91
N ARG A 89 21.33 -27.76 19.32
CA ARG A 89 20.68 -28.17 20.55
C ARG A 89 21.30 -27.43 21.73
N GLU A 90 22.62 -27.28 21.71
CA GLU A 90 23.28 -26.57 22.81
C GLU A 90 22.89 -25.08 22.82
N VAL A 91 22.75 -24.47 21.65
CA VAL A 91 22.36 -23.06 21.61
C VAL A 91 20.94 -22.92 22.13
N LYS A 92 20.07 -23.83 21.69
CA LYS A 92 18.68 -23.84 22.09
C LYS A 92 18.52 -23.97 23.61
N ASN A 93 19.27 -24.89 24.21
CA ASN A 93 19.18 -25.07 25.64
C ASN A 93 19.63 -23.84 26.41
N TYR A 94 20.69 -23.18 25.95
CA TYR A 94 21.15 -21.96 26.65
C TYR A 94 20.16 -20.79 26.56
N VAL A 95 19.60 -20.58 25.39
CA VAL A 95 18.65 -19.49 25.18
C VAL A 95 17.42 -19.76 26.04
N LEU A 96 16.84 -20.96 25.91
CA LEU A 96 15.67 -21.30 26.68
C LEU A 96 15.92 -21.14 28.20
N HIS A 97 17.07 -21.58 28.67
CA HIS A 97 17.41 -21.46 30.09
C HIS A 97 17.58 -20.02 30.57
N THR A 98 17.80 -19.11 29.64
CA THR A 98 17.98 -17.69 29.99
C THR A 98 16.64 -17.05 30.41
N LEU A 99 15.55 -17.63 29.94
CA LEU A 99 14.23 -17.10 30.24
C LEU A 99 14.03 -16.94 31.75
N GLY A 100 13.73 -15.72 32.18
CA GLY A 100 13.52 -15.46 33.60
C GLY A 100 14.78 -15.04 34.34
N THR A 101 15.95 -15.06 33.69
CA THR A 101 17.19 -14.67 34.37
C THR A 101 17.74 -13.29 33.95
N GLU A 102 17.08 -12.68 32.99
CA GLU A 102 17.50 -11.39 32.47
C GLU A 102 17.02 -10.23 33.34
N THR A 103 17.90 -9.27 33.60
CA THR A 103 17.54 -8.10 34.39
C THR A 103 16.69 -7.18 33.51
N TYR A 104 17.34 -6.54 32.54
CA TYR A 104 16.69 -5.63 31.59
C TYR A 104 15.31 -6.12 31.14
N ARG A 105 14.31 -5.25 31.31
CA ARG A 105 12.92 -5.59 31.00
C ARG A 105 12.64 -6.24 29.64
N PRO A 106 12.97 -5.57 28.51
CA PRO A 106 12.67 -6.29 27.26
C PRO A 106 13.68 -7.46 27.15
N SER A 107 13.17 -8.69 27.14
CA SER A 107 14.03 -9.89 27.07
C SER A 107 14.75 -10.14 25.74
N SER A 108 16.05 -10.43 25.81
CA SER A 108 16.86 -10.72 24.63
C SER A 108 16.70 -12.19 24.23
N ALA A 109 16.65 -13.06 25.24
CA ALA A 109 16.51 -14.49 25.00
C ALA A 109 15.20 -14.76 24.25
N SER A 110 14.17 -14.00 24.61
CA SER A 110 12.86 -14.15 23.98
C SER A 110 12.96 -14.00 22.47
N GLN A 111 13.73 -13.03 22.01
CA GLN A 111 13.88 -12.78 20.57
C GLN A 111 14.68 -13.89 19.89
N CYS A 112 15.70 -14.40 20.58
CA CYS A 112 16.52 -15.47 20.03
C CYS A 112 15.72 -16.76 19.91
N VAL A 113 14.83 -17.00 20.87
CA VAL A 113 13.98 -18.18 20.85
C VAL A 113 13.14 -18.12 19.58
N ALA A 114 12.52 -16.97 19.35
CA ALA A 114 11.67 -16.77 18.17
C ALA A 114 12.44 -16.90 16.85
N GLY A 115 13.62 -16.29 16.77
CA GLY A 115 14.42 -16.38 15.55
C GLY A 115 14.71 -17.85 15.23
N ILE A 116 15.08 -18.64 16.24
CA ILE A 116 15.35 -20.06 16.03
C ILE A 116 14.05 -20.83 15.70
N ALA A 117 13.00 -20.60 16.48
CA ALA A 117 11.72 -21.26 16.25
C ALA A 117 11.23 -21.05 14.82
N CYS A 118 11.46 -19.86 14.27
CA CYS A 118 11.06 -19.58 12.89
C CYS A 118 11.78 -20.45 11.87
N ALA A 119 13.01 -20.85 12.19
CA ALA A 119 13.76 -21.71 11.29
C ALA A 119 13.37 -23.18 11.54
N GLU A 120 13.15 -23.53 12.81
CA GLU A 120 12.85 -24.92 13.16
C GLU A 120 11.43 -25.48 13.23
N ILE A 121 10.45 -24.71 13.70
CA ILE A 121 9.10 -25.23 13.80
C ILE A 121 8.63 -25.73 12.45
N PRO A 122 8.87 -24.95 11.37
CA PRO A 122 8.42 -25.42 10.05
C PRO A 122 9.07 -26.72 9.54
N VAL A 123 10.04 -27.27 10.27
CA VAL A 123 10.64 -28.54 9.87
C VAL A 123 10.56 -29.49 11.05
N ASN A 124 9.77 -29.10 12.05
CA ASN A 124 9.57 -29.93 13.24
C ASN A 124 10.85 -30.30 13.97
N GLN A 125 11.77 -29.35 14.10
CA GLN A 125 13.03 -29.66 14.75
C GLN A 125 13.17 -29.21 16.19
N TRP A 126 12.15 -28.56 16.73
CA TRP A 126 12.26 -28.15 18.13
C TRP A 126 10.98 -28.54 18.88
N PRO A 127 10.65 -29.86 18.91
CA PRO A 127 9.44 -30.35 19.62
C PRO A 127 9.38 -29.98 21.09
N GLU A 128 10.53 -29.75 21.69
CA GLU A 128 10.60 -29.40 23.09
C GLU A 128 10.16 -27.97 23.42
N LEU A 129 10.20 -27.09 22.42
CA LEU A 129 9.87 -25.69 22.64
C LEU A 129 8.49 -25.36 23.24
N ILE A 130 7.41 -25.65 22.52
CA ILE A 130 6.08 -25.31 23.03
C ILE A 130 5.80 -25.84 24.43
N PRO A 131 6.05 -27.14 24.68
CA PRO A 131 5.80 -27.67 26.03
C PRO A 131 6.61 -26.96 27.12
N GLN A 132 7.87 -26.67 26.84
CA GLN A 132 8.68 -25.97 27.82
C GLN A 132 8.09 -24.56 28.07
N LEU A 133 7.74 -23.83 27.02
CA LEU A 133 7.18 -22.49 27.19
C LEU A 133 5.88 -22.57 27.97
N VAL A 134 5.02 -23.49 27.58
CA VAL A 134 3.74 -23.70 28.27
C VAL A 134 4.01 -23.99 29.75
N ALA A 135 4.97 -24.88 30.01
CA ALA A 135 5.31 -25.23 31.39
C ALA A 135 5.80 -24.02 32.20
N ASN A 136 6.61 -23.18 31.58
CA ASN A 136 7.15 -21.99 32.24
C ASN A 136 6.03 -21.06 32.72
N VAL A 137 4.98 -20.92 31.91
CA VAL A 137 3.87 -20.05 32.24
C VAL A 137 2.86 -20.66 33.23
N THR A 138 2.48 -21.91 33.01
CA THR A 138 1.49 -22.55 33.87
C THR A 138 1.97 -23.06 35.23
N ASN A 139 3.29 -23.09 35.44
CA ASN A 139 3.82 -23.54 36.72
C ASN A 139 3.50 -22.48 37.75
N PRO A 140 2.65 -22.81 38.74
CA PRO A 140 2.25 -21.88 39.80
C PRO A 140 3.44 -21.31 40.58
N ASN A 141 4.56 -22.03 40.56
CA ASN A 141 5.76 -21.63 41.27
C ASN A 141 6.63 -20.63 40.50
N SER A 142 6.40 -20.54 39.18
CA SER A 142 7.18 -19.64 38.33
C SER A 142 7.16 -18.19 38.78
N THR A 143 8.30 -17.52 38.63
CA THR A 143 8.41 -16.11 39.00
C THR A 143 7.75 -15.24 37.94
N GLU A 144 7.51 -13.99 38.29
CA GLU A 144 6.91 -13.03 37.38
C GLU A 144 7.76 -12.83 36.14
N HIS A 145 9.06 -12.65 36.35
CA HIS A 145 9.99 -12.43 35.26
C HIS A 145 9.96 -13.61 34.29
N MET A 146 9.96 -14.80 34.84
CA MET A 146 9.95 -16.03 34.09
C MET A 146 8.68 -16.12 33.22
N LYS A 147 7.53 -15.86 33.82
CA LYS A 147 6.27 -15.90 33.08
C LYS A 147 6.19 -14.79 32.02
N GLU A 148 6.62 -13.58 32.36
CA GLU A 148 6.57 -12.49 31.41
C GLU A 148 7.49 -12.75 30.23
N SER A 149 8.74 -13.08 30.53
CA SER A 149 9.75 -13.34 29.51
C SER A 149 9.29 -14.45 28.53
N THR A 150 8.69 -15.49 29.07
CA THR A 150 8.20 -16.61 28.27
C THR A 150 7.01 -16.15 27.40
N LEU A 151 6.09 -15.37 27.96
CA LEU A 151 4.97 -14.89 27.18
C LEU A 151 5.50 -13.98 26.06
N GLU A 152 6.60 -13.26 26.29
CA GLU A 152 7.19 -12.42 25.26
C GLU A 152 7.67 -13.32 24.11
N ALA A 153 8.34 -14.43 24.46
CA ALA A 153 8.82 -15.36 23.42
C ALA A 153 7.61 -15.90 22.63
N ILE A 154 6.55 -16.33 23.33
CA ILE A 154 5.34 -16.84 22.68
C ILE A 154 4.79 -15.76 21.72
N GLY A 155 4.68 -14.53 22.22
CA GLY A 155 4.22 -13.42 21.40
C GLY A 155 5.07 -13.24 20.13
N TYR A 156 6.40 -13.27 20.26
CA TYR A 156 7.28 -13.13 19.08
C TYR A 156 7.12 -14.29 18.08
N ILE A 157 6.96 -15.50 18.60
CA ILE A 157 6.80 -16.66 17.72
C ILE A 157 5.50 -16.49 16.91
N CYS A 158 4.41 -16.17 17.60
CA CYS A 158 3.10 -15.97 16.98
C CYS A 158 3.11 -14.85 15.96
N GLN A 159 3.94 -13.84 16.22
CA GLN A 159 4.04 -12.70 15.34
C GLN A 159 4.88 -12.99 14.10
N ASP A 160 5.93 -13.81 14.24
CA ASP A 160 6.82 -14.06 13.10
C ASP A 160 6.64 -15.34 12.27
N ILE A 161 5.78 -16.26 12.72
CA ILE A 161 5.61 -17.50 11.95
C ILE A 161 4.21 -17.65 11.34
N ASP A 162 4.15 -18.34 10.21
CA ASP A 162 2.89 -18.59 9.51
C ASP A 162 1.91 -19.28 10.50
N PRO A 163 0.76 -18.65 10.76
CA PRO A 163 -0.20 -19.25 11.69
C PRO A 163 -0.46 -20.74 11.40
N GLU A 164 -0.48 -21.11 10.13
CA GLU A 164 -0.71 -22.52 9.79
C GLU A 164 0.32 -23.45 10.38
N GLN A 165 1.49 -22.91 10.73
CA GLN A 165 2.56 -23.70 11.33
C GLN A 165 2.35 -23.92 12.83
N LEU A 166 1.47 -23.13 13.45
CA LEU A 166 1.21 -23.25 14.88
C LEU A 166 -0.15 -23.88 15.19
N GLN A 167 -0.95 -24.01 14.13
CA GLN A 167 -2.29 -24.57 14.19
C GLN A 167 -2.39 -25.89 14.99
N ASP A 168 -1.42 -26.78 14.81
CA ASP A 168 -1.48 -28.06 15.52
C ASP A 168 -1.12 -28.00 17.01
N LYS A 169 -0.74 -26.84 17.51
CA LYS A 169 -0.38 -26.70 18.92
C LYS A 169 -1.17 -25.59 19.60
N SER A 170 -2.21 -25.13 18.92
CA SER A 170 -3.04 -24.04 19.42
C SER A 170 -3.57 -24.31 20.82
N ASN A 171 -3.93 -25.55 21.11
CA ASN A 171 -4.45 -25.92 22.43
C ASN A 171 -3.47 -25.58 23.57
N GLU A 172 -2.23 -26.00 23.40
CA GLU A 172 -1.19 -25.75 24.39
C GLU A 172 -0.84 -24.27 24.48
N ILE A 173 -0.59 -23.66 23.34
CA ILE A 173 -0.24 -22.26 23.31
C ILE A 173 -1.30 -21.44 24.01
N LEU A 174 -2.56 -21.72 23.71
CA LEU A 174 -3.68 -21.00 24.33
C LEU A 174 -3.77 -21.26 25.83
N THR A 175 -3.42 -22.45 26.27
CA THR A 175 -3.48 -22.72 27.70
C THR A 175 -2.54 -21.78 28.45
N ALA A 176 -1.34 -21.58 27.91
CA ALA A 176 -0.36 -20.69 28.53
C ALA A 176 -0.88 -19.24 28.48
N ILE A 177 -1.28 -18.80 27.29
CA ILE A 177 -1.76 -17.44 27.12
C ILE A 177 -3.01 -17.12 27.94
N ILE A 178 -3.98 -18.02 27.91
CA ILE A 178 -5.20 -17.78 28.67
C ILE A 178 -4.90 -17.80 30.16
N GLN A 179 -3.89 -18.57 30.56
CA GLN A 179 -3.47 -18.67 31.95
C GLN A 179 -2.86 -17.35 32.44
N GLY A 180 -1.96 -16.78 31.63
CA GLY A 180 -1.34 -15.53 32.01
C GLY A 180 -2.32 -14.36 32.05
N MET A 181 -3.43 -14.50 31.34
CA MET A 181 -4.48 -13.47 31.29
C MET A 181 -5.55 -13.54 32.39
N ARG A 182 -5.62 -14.63 33.13
CA ARG A 182 -6.64 -14.78 34.17
C ARG A 182 -6.63 -13.63 35.20
N LYS A 183 -7.81 -13.28 35.68
CA LYS A 183 -7.97 -12.20 36.65
C LYS A 183 -7.14 -12.46 37.90
N GLU A 184 -7.01 -13.72 38.27
CA GLU A 184 -6.26 -14.12 39.45
C GLU A 184 -4.74 -13.87 39.36
N GLU A 185 -4.19 -13.76 38.15
CA GLU A 185 -2.76 -13.53 37.98
C GLU A 185 -2.36 -12.22 38.66
N PRO A 186 -1.41 -12.29 39.61
CA PRO A 186 -0.88 -11.16 40.39
C PRO A 186 -0.26 -9.99 39.61
N SER A 187 0.70 -10.30 38.74
CA SER A 187 1.40 -9.28 37.96
C SER A 187 0.60 -8.72 36.78
N ASN A 188 0.57 -7.40 36.66
CA ASN A 188 -0.12 -6.78 35.53
C ASN A 188 0.79 -6.87 34.31
N ASN A 189 2.10 -6.98 34.54
CA ASN A 189 3.05 -7.11 33.43
C ASN A 189 2.90 -8.47 32.74
N VAL A 190 2.56 -9.49 33.51
CA VAL A 190 2.35 -10.83 32.96
C VAL A 190 1.01 -10.84 32.18
N LYS A 191 0.00 -10.16 32.71
CA LYS A 191 -1.30 -10.11 32.04
C LYS A 191 -1.15 -9.35 30.72
N LEU A 192 -0.36 -8.27 30.76
CA LEU A 192 -0.13 -7.47 29.58
C LEU A 192 0.53 -8.34 28.50
N ALA A 193 1.64 -8.98 28.88
CA ALA A 193 2.38 -9.83 27.94
C ALA A 193 1.50 -10.94 27.38
N ALA A 194 0.69 -11.55 28.24
CA ALA A 194 -0.22 -12.62 27.84
C ALA A 194 -1.28 -12.13 26.84
N THR A 195 -1.85 -10.96 27.12
CA THR A 195 -2.89 -10.36 26.28
C THR A 195 -2.32 -9.94 24.92
N ASN A 196 -1.09 -9.43 24.89
CA ASN A 196 -0.46 -9.09 23.61
C ASN A 196 -0.17 -10.35 22.78
N ALA A 197 0.16 -11.44 23.46
CA ALA A 197 0.42 -12.71 22.76
C ALA A 197 -0.88 -13.26 22.15
N LEU A 198 -2.00 -13.09 22.84
CA LEU A 198 -3.27 -13.58 22.30
C LEU A 198 -3.58 -12.88 20.98
N LEU A 199 -3.38 -11.56 20.96
CA LEU A 199 -3.61 -10.77 19.79
C LEU A 199 -2.87 -11.34 18.56
N ASN A 200 -1.70 -11.92 18.78
CA ASN A 200 -0.91 -12.48 17.68
C ASN A 200 -1.27 -13.93 17.37
N SER A 201 -2.00 -14.56 18.28
CA SER A 201 -2.33 -15.95 18.12
C SER A 201 -3.72 -16.24 17.58
N LEU A 202 -4.51 -15.19 17.36
CA LEU A 202 -5.89 -15.37 16.89
C LEU A 202 -6.08 -16.03 15.54
N GLU A 203 -5.14 -15.86 14.62
CA GLU A 203 -5.27 -16.45 13.29
C GLU A 203 -5.19 -17.98 13.24
N PHE A 204 -4.47 -18.61 14.18
CA PHE A 204 -4.37 -20.06 14.14
C PHE A 204 -5.26 -20.79 15.15
N THR A 205 -6.16 -20.07 15.81
CA THR A 205 -7.04 -20.65 16.82
C THR A 205 -8.46 -21.00 16.33
N LYS A 206 -8.65 -21.11 15.02
CA LYS A 206 -9.98 -21.42 14.50
C LYS A 206 -10.61 -22.69 15.09
N ALA A 207 -9.82 -23.76 15.12
CA ALA A 207 -10.32 -25.02 15.66
C ALA A 207 -10.86 -24.79 17.06
N ASN A 208 -10.21 -23.91 17.81
CA ASN A 208 -10.65 -23.60 19.17
C ASN A 208 -11.96 -22.80 19.22
N PHE A 209 -12.10 -21.79 18.37
CA PHE A 209 -13.33 -21.01 18.38
C PHE A 209 -14.51 -21.84 17.89
N ASP A 210 -14.22 -22.92 17.18
CA ASP A 210 -15.28 -23.81 16.70
C ASP A 210 -15.87 -24.61 17.86
N LYS A 211 -15.17 -24.68 18.99
CA LYS A 211 -15.69 -25.40 20.14
C LYS A 211 -16.39 -24.42 21.07
N GLU A 212 -17.69 -24.62 21.27
CA GLU A 212 -18.47 -23.73 22.12
C GLU A 212 -17.83 -23.46 23.47
N SER A 213 -17.36 -24.52 24.12
CA SER A 213 -16.75 -24.41 25.44
C SER A 213 -15.42 -23.63 25.42
N GLU A 214 -14.57 -23.86 24.43
CA GLU A 214 -13.31 -23.14 24.36
C GLU A 214 -13.57 -21.68 23.98
N ARG A 215 -14.44 -21.49 23.00
CA ARG A 215 -14.79 -20.15 22.55
C ARG A 215 -15.30 -19.33 23.74
N HIS A 216 -16.20 -19.92 24.51
CA HIS A 216 -16.77 -19.23 25.65
C HIS A 216 -15.71 -18.88 26.69
N PHE A 217 -14.74 -19.77 26.90
CA PHE A 217 -13.67 -19.57 27.87
C PHE A 217 -12.78 -18.39 27.43
N ILE A 218 -12.46 -18.35 26.14
CA ILE A 218 -11.63 -17.28 25.61
C ILE A 218 -12.37 -15.93 25.71
N MET A 219 -13.63 -15.90 25.29
CA MET A 219 -14.40 -14.65 25.37
C MET A 219 -14.49 -14.12 26.80
N GLN A 220 -14.79 -15.01 27.75
CA GLN A 220 -14.90 -14.62 29.15
C GLN A 220 -13.61 -14.03 29.68
N VAL A 221 -12.50 -14.69 29.38
CA VAL A 221 -11.20 -14.20 29.85
C VAL A 221 -10.84 -12.86 29.20
N VAL A 222 -11.12 -12.71 27.90
CA VAL A 222 -10.84 -11.45 27.22
C VAL A 222 -11.74 -10.33 27.76
N CYS A 223 -13.05 -10.56 27.79
CA CYS A 223 -13.97 -9.54 28.31
C CYS A 223 -13.62 -9.20 29.75
N GLU A 224 -13.16 -10.20 30.51
CA GLU A 224 -12.78 -9.99 31.89
C GLU A 224 -11.60 -9.01 31.93
N ALA A 225 -10.60 -9.22 31.07
CA ALA A 225 -9.45 -8.33 31.05
C ALA A 225 -9.77 -6.91 30.59
N THR A 226 -10.94 -6.68 29.99
CA THR A 226 -11.26 -5.30 29.58
C THR A 226 -11.64 -4.51 30.83
N GLN A 227 -11.81 -5.22 31.94
CA GLN A 227 -12.17 -4.60 33.21
C GLN A 227 -10.98 -4.57 34.19
N CYS A 228 -9.81 -4.99 33.72
CA CYS A 228 -8.61 -4.98 34.57
C CYS A 228 -8.31 -3.53 34.97
N PRO A 229 -7.99 -3.29 36.25
CA PRO A 229 -7.69 -1.93 36.68
C PRO A 229 -6.47 -1.30 36.00
N ASP A 230 -5.66 -2.13 35.34
CA ASP A 230 -4.48 -1.64 34.65
C ASP A 230 -4.90 -1.20 33.22
N THR A 231 -4.66 0.07 32.92
CA THR A 231 -5.02 0.64 31.62
C THR A 231 -4.41 -0.04 30.41
N ARG A 232 -3.14 -0.40 30.50
CA ARG A 232 -2.44 -1.10 29.40
C ARG A 232 -3.12 -2.45 29.11
N VAL A 233 -3.49 -3.18 30.16
CA VAL A 233 -4.17 -4.46 29.94
C VAL A 233 -5.57 -4.22 29.35
N ARG A 234 -6.27 -3.20 29.83
CA ARG A 234 -7.61 -2.87 29.34
C ARG A 234 -7.57 -2.63 27.82
N VAL A 235 -6.64 -1.79 27.39
CA VAL A 235 -6.46 -1.45 25.98
C VAL A 235 -6.10 -2.66 25.12
N ALA A 236 -5.14 -3.47 25.56
CA ALA A 236 -4.75 -4.64 24.79
C ALA A 236 -5.94 -5.60 24.64
N ALA A 237 -6.68 -5.80 25.73
CA ALA A 237 -7.86 -6.67 25.72
C ALA A 237 -8.90 -6.13 24.73
N LEU A 238 -9.10 -4.82 24.75
CA LEU A 238 -10.04 -4.22 23.81
C LEU A 238 -9.57 -4.49 22.36
N GLN A 239 -8.26 -4.43 22.12
CA GLN A 239 -7.76 -4.70 20.77
C GLN A 239 -8.03 -6.17 20.38
N ASN A 240 -8.03 -7.06 21.36
CA ASN A 240 -8.31 -8.47 21.05
C ASN A 240 -9.76 -8.55 20.59
N LEU A 241 -10.65 -7.82 21.26
CA LEU A 241 -12.05 -7.81 20.89
C LEU A 241 -12.21 -7.27 19.46
N VAL A 242 -11.48 -6.20 19.15
CA VAL A 242 -11.54 -5.66 17.80
C VAL A 242 -11.18 -6.75 16.79
N LYS A 243 -10.07 -7.45 17.04
CA LYS A 243 -9.64 -8.50 16.13
C LYS A 243 -10.60 -9.68 16.13
N ILE A 244 -11.07 -10.08 17.29
CA ILE A 244 -11.99 -11.21 17.35
C ILE A 244 -13.26 -10.92 16.55
N MET A 245 -13.75 -9.70 16.66
CA MET A 245 -14.95 -9.29 15.94
C MET A 245 -14.70 -9.44 14.45
N SER A 246 -13.47 -9.13 14.03
CA SER A 246 -13.09 -9.21 12.63
C SER A 246 -12.84 -10.61 12.09
N LEU A 247 -12.18 -11.46 12.87
CA LEU A 247 -11.92 -12.82 12.43
C LEU A 247 -13.07 -13.78 12.66
N TYR A 248 -13.83 -13.59 13.73
CA TYR A 248 -14.93 -14.50 14.04
C TYR A 248 -16.30 -13.85 14.09
N TYR A 249 -16.51 -12.91 13.18
CA TYR A 249 -17.78 -12.19 13.07
C TYR A 249 -18.99 -13.09 13.25
N GLN A 250 -19.05 -14.15 12.45
CA GLN A 250 -20.16 -15.10 12.45
C GLN A 250 -20.38 -15.85 13.76
N TYR A 251 -19.41 -15.77 14.68
CA TYR A 251 -19.52 -16.46 15.98
C TYR A 251 -19.91 -15.50 17.11
N MET A 252 -20.12 -14.23 16.80
CA MET A 252 -20.41 -13.24 17.83
C MET A 252 -21.87 -12.95 18.18
N GLU A 253 -22.82 -13.49 17.41
CA GLU A 253 -24.23 -13.23 17.69
C GLU A 253 -24.53 -13.52 19.16
N THR A 254 -23.85 -14.54 19.68
CA THR A 254 -24.00 -14.96 21.06
C THR A 254 -23.48 -13.95 22.07
N TYR A 255 -22.43 -13.21 21.70
CA TYR A 255 -21.83 -12.28 22.64
C TYR A 255 -22.19 -10.81 22.55
N MET A 256 -22.52 -10.34 21.35
CA MET A 256 -22.88 -8.94 21.11
C MET A 256 -23.79 -8.33 22.18
N GLY A 257 -25.04 -8.80 22.21
CA GLY A 257 -25.99 -8.29 23.16
C GLY A 257 -25.66 -8.49 24.63
N PRO A 258 -25.21 -9.68 25.04
CA PRO A 258 -24.89 -9.88 26.45
C PRO A 258 -23.59 -9.28 27.00
N ALA A 259 -22.70 -8.81 26.15
CA ALA A 259 -21.44 -8.26 26.66
C ALA A 259 -20.66 -7.24 25.82
N LEU A 260 -20.38 -7.57 24.56
CA LEU A 260 -19.57 -6.69 23.70
C LEU A 260 -20.11 -5.28 23.50
N PHE A 261 -21.43 -5.16 23.38
CA PHE A 261 -22.06 -3.88 23.15
C PHE A 261 -21.75 -2.98 24.33
N ALA A 262 -21.98 -3.51 25.52
CA ALA A 262 -21.75 -2.77 26.74
C ALA A 262 -20.29 -2.37 26.90
N ILE A 263 -19.38 -3.33 26.69
CA ILE A 263 -17.96 -3.07 26.82
C ILE A 263 -17.45 -2.03 25.83
N THR A 264 -17.80 -2.20 24.56
CA THR A 264 -17.35 -1.28 23.52
C THR A 264 -17.96 0.12 23.64
N ILE A 265 -19.22 0.20 24.06
CA ILE A 265 -19.86 1.50 24.22
C ILE A 265 -19.20 2.27 25.36
N GLU A 266 -19.02 1.61 26.49
CA GLU A 266 -18.39 2.22 27.66
C GLU A 266 -17.01 2.75 27.27
N ALA A 267 -16.21 1.89 26.65
CA ALA A 267 -14.88 2.24 26.20
C ALA A 267 -14.91 3.54 25.38
N MET A 268 -15.85 3.65 24.45
CA MET A 268 -15.93 4.87 23.65
C MET A 268 -16.12 6.14 24.50
N LYS A 269 -16.87 6.03 25.60
CA LYS A 269 -17.12 7.18 26.47
C LYS A 269 -16.01 7.45 27.49
N SER A 270 -14.91 6.70 27.40
CA SER A 270 -13.81 6.87 28.35
C SER A 270 -13.04 8.18 28.18
N ASP A 271 -12.59 8.74 29.30
CA ASP A 271 -11.81 9.97 29.23
C ASP A 271 -10.38 9.62 28.85
N ILE A 272 -10.08 8.32 28.86
CA ILE A 272 -8.75 7.81 28.49
C ILE A 272 -8.76 7.60 26.98
N ASP A 273 -8.03 8.43 26.26
CA ASP A 273 -7.96 8.36 24.81
C ASP A 273 -7.68 6.98 24.22
N GLU A 274 -6.66 6.30 24.73
CA GLU A 274 -6.30 4.98 24.22
C GLU A 274 -7.46 4.00 24.32
N VAL A 275 -8.28 4.13 25.36
CA VAL A 275 -9.45 3.27 25.54
C VAL A 275 -10.53 3.69 24.54
N ALA A 276 -10.79 4.99 24.44
CA ALA A 276 -11.81 5.50 23.51
C ALA A 276 -11.49 5.06 22.09
N LEU A 277 -10.23 5.15 21.69
CA LEU A 277 -9.83 4.74 20.35
C LEU A 277 -10.16 3.29 20.06
N GLN A 278 -10.00 2.41 21.05
CA GLN A 278 -10.32 1.00 20.80
C GLN A 278 -11.84 0.79 20.62
N GLY A 279 -12.64 1.45 21.45
CA GLY A 279 -14.08 1.32 21.34
C GLY A 279 -14.54 1.81 19.97
N ILE A 280 -13.95 2.91 19.51
CA ILE A 280 -14.31 3.47 18.20
C ILE A 280 -13.82 2.55 17.09
N GLU A 281 -12.61 2.04 17.24
CA GLU A 281 -12.03 1.15 16.26
C GLU A 281 -12.91 -0.09 16.15
N PHE A 282 -13.42 -0.56 17.30
CA PHE A 282 -14.28 -1.74 17.26
C PHE A 282 -15.48 -1.51 16.31
N TRP A 283 -16.18 -0.39 16.47
CA TRP A 283 -17.34 -0.15 15.61
C TRP A 283 -16.99 0.21 14.16
N SER A 284 -15.83 0.82 13.95
CA SER A 284 -15.41 1.13 12.59
C SER A 284 -15.16 -0.18 11.86
N ASN A 285 -14.66 -1.17 12.58
CA ASN A 285 -14.37 -2.48 12.01
C ASN A 285 -15.64 -3.27 11.69
N VAL A 286 -16.66 -3.13 12.52
CA VAL A 286 -17.92 -3.80 12.26
C VAL A 286 -18.49 -3.23 10.94
N CYS A 287 -18.43 -1.91 10.76
CA CYS A 287 -18.92 -1.28 9.52
C CYS A 287 -18.19 -1.84 8.32
N ASP A 288 -16.86 -1.92 8.43
CA ASP A 288 -16.05 -2.45 7.35
C ASP A 288 -16.41 -3.90 7.04
N GLU A 289 -16.64 -4.69 8.08
CA GLU A 289 -17.01 -6.09 7.89
C GLU A 289 -18.41 -6.22 7.29
N GLU A 290 -19.30 -5.33 7.67
CA GLU A 290 -20.67 -5.41 7.17
C GLU A 290 -20.76 -4.88 5.74
N MET A 291 -19.97 -3.86 5.42
CA MET A 291 -19.97 -3.33 4.07
C MET A 291 -19.51 -4.45 3.15
N ASP A 292 -18.44 -5.14 3.54
CA ASP A 292 -17.94 -6.26 2.74
C ASP A 292 -18.95 -7.39 2.59
N LEU A 293 -19.68 -7.69 3.66
CA LEU A 293 -20.67 -8.75 3.59
C LEU A 293 -21.76 -8.35 2.59
N ALA A 294 -22.11 -7.06 2.55
CA ALA A 294 -23.11 -6.59 1.62
C ALA A 294 -22.58 -6.81 0.20
N ILE A 295 -21.32 -6.45 -0.03
CA ILE A 295 -20.70 -6.64 -1.33
C ILE A 295 -20.72 -8.13 -1.66
N GLU A 296 -20.35 -8.95 -0.69
CA GLU A 296 -20.35 -10.39 -0.91
C GLU A 296 -21.75 -10.80 -1.36
N ALA A 297 -22.75 -10.19 -0.73
CA ALA A 297 -24.15 -10.48 -1.02
C ALA A 297 -24.49 -10.17 -2.47
N SER A 298 -24.42 -8.91 -2.84
CA SER A 298 -24.71 -8.50 -4.21
C SER A 298 -23.90 -9.36 -5.18
N GLU A 299 -22.71 -9.79 -4.73
CA GLU A 299 -21.86 -10.63 -5.56
C GLU A 299 -22.61 -11.91 -5.92
N ALA A 300 -22.84 -12.75 -4.92
CA ALA A 300 -23.54 -14.02 -5.10
C ALA A 300 -24.88 -13.80 -5.80
N ALA A 301 -25.59 -12.75 -5.40
CA ALA A 301 -26.90 -12.44 -5.98
C ALA A 301 -26.85 -12.39 -7.51
N GLU A 302 -25.95 -11.59 -8.05
CA GLU A 302 -25.80 -11.47 -9.49
C GLU A 302 -25.19 -12.74 -10.05
N GLN A 303 -24.53 -13.50 -9.17
CA GLN A 303 -23.88 -14.74 -9.56
C GLN A 303 -24.79 -15.96 -9.39
N GLY A 304 -25.97 -15.73 -8.82
CA GLY A 304 -26.91 -16.82 -8.61
C GLY A 304 -26.96 -17.35 -7.19
N ARG A 305 -26.06 -18.28 -6.89
CA ARG A 305 -25.99 -18.90 -5.57
C ARG A 305 -26.14 -17.92 -4.40
N PRO A 306 -26.54 -18.42 -3.23
CA PRO A 306 -26.72 -17.59 -2.03
C PRO A 306 -25.35 -17.35 -1.37
N PRO A 307 -25.17 -16.20 -0.71
CA PRO A 307 -23.88 -15.92 -0.06
C PRO A 307 -23.60 -16.94 1.03
N GLU A 308 -22.33 -17.21 1.30
CA GLU A 308 -21.97 -18.18 2.34
C GLU A 308 -21.95 -17.48 3.68
N HIS A 309 -21.58 -16.20 3.66
CA HIS A 309 -21.53 -15.40 4.87
C HIS A 309 -22.66 -14.37 4.83
N THR A 310 -23.40 -14.27 5.94
CA THR A 310 -24.50 -13.33 6.01
C THR A 310 -24.37 -12.35 7.16
N SER A 311 -24.60 -11.08 6.86
CA SER A 311 -24.52 -10.00 7.84
C SER A 311 -25.54 -10.16 8.96
N LYS A 312 -25.36 -9.39 10.03
CA LYS A 312 -26.28 -9.41 11.15
C LYS A 312 -26.70 -7.96 11.36
N PHE A 313 -26.07 -7.08 10.61
CA PHE A 313 -26.36 -5.65 10.65
C PHE A 313 -26.19 -4.97 12.01
N TYR A 314 -25.16 -5.39 12.73
CA TYR A 314 -24.84 -4.83 14.05
C TYR A 314 -24.69 -3.31 13.99
N ALA A 315 -24.09 -2.79 12.92
CA ALA A 315 -23.90 -1.34 12.79
C ALA A 315 -25.25 -0.63 12.84
N LYS A 316 -26.18 -1.10 12.02
CA LYS A 316 -27.51 -0.54 11.94
C LYS A 316 -28.22 -0.55 13.30
N GLY A 317 -28.19 -1.70 13.97
CA GLY A 317 -28.84 -1.80 15.27
C GLY A 317 -28.24 -0.92 16.34
N ALA A 318 -26.94 -0.68 16.28
CA ALA A 318 -26.25 0.14 17.28
C ALA A 318 -26.19 1.61 16.92
N LEU A 319 -26.63 1.94 15.72
CA LEU A 319 -26.61 3.29 15.18
C LEU A 319 -27.14 4.39 16.11
N GLN A 320 -28.35 4.21 16.61
CA GLN A 320 -28.97 5.17 17.51
C GLN A 320 -28.15 5.44 18.76
N TYR A 321 -27.24 4.53 19.09
CA TYR A 321 -26.40 4.71 20.28
C TYR A 321 -25.02 5.26 19.94
N LEU A 322 -24.48 4.86 18.79
CA LEU A 322 -23.15 5.30 18.35
C LEU A 322 -23.09 6.77 17.98
N VAL A 323 -24.01 7.21 17.12
CA VAL A 323 -24.02 8.60 16.67
C VAL A 323 -23.88 9.65 17.76
N PRO A 324 -24.75 9.65 18.78
CA PRO A 324 -24.59 10.68 19.82
C PRO A 324 -23.21 10.67 20.48
N ILE A 325 -22.62 9.48 20.64
CA ILE A 325 -21.28 9.41 21.23
C ILE A 325 -20.24 9.97 20.26
N LEU A 326 -20.34 9.60 18.98
CA LEU A 326 -19.39 10.09 17.99
C LEU A 326 -19.47 11.61 17.79
N THR A 327 -20.68 12.15 17.59
CA THR A 327 -20.77 13.60 17.38
C THR A 327 -20.17 14.38 18.55
N GLN A 328 -20.41 13.90 19.77
CA GLN A 328 -19.86 14.58 20.94
C GLN A 328 -18.32 14.45 20.96
N THR A 329 -17.80 13.30 20.53
CA THR A 329 -16.35 13.09 20.51
C THR A 329 -15.70 14.07 19.54
N LEU A 330 -16.43 14.43 18.49
CA LEU A 330 -15.93 15.36 17.49
C LEU A 330 -15.59 16.70 18.09
N THR A 331 -16.20 16.98 19.24
CA THR A 331 -16.01 18.22 19.98
C THR A 331 -14.66 18.28 20.70
N LYS A 332 -13.94 17.17 20.72
CA LYS A 332 -12.65 17.09 21.39
C LYS A 332 -11.46 17.42 20.51
N GLN A 333 -11.53 18.52 19.76
CA GLN A 333 -10.42 18.92 18.92
C GLN A 333 -9.47 19.67 19.82
N ASP A 334 -8.79 20.68 19.27
CA ASP A 334 -7.86 21.49 20.06
C ASP A 334 -7.05 22.44 19.19
N GLU A 335 -6.62 23.54 19.79
CA GLU A 335 -5.82 24.55 19.11
C GLU A 335 -4.61 23.89 18.47
N ASN A 336 -3.80 23.24 19.30
CA ASN A 336 -2.60 22.55 18.84
C ASN A 336 -2.99 21.19 18.24
N ASP A 337 -3.30 21.17 16.95
CA ASP A 337 -3.70 19.95 16.26
C ASP A 337 -2.62 19.39 15.35
N ASP A 338 -2.54 18.06 15.28
CA ASP A 338 -1.57 17.35 14.46
C ASP A 338 -2.31 16.50 13.44
N ASP A 339 -1.91 16.60 12.17
CA ASP A 339 -2.57 15.83 11.11
C ASP A 339 -2.24 14.34 11.12
N ASP A 340 -0.99 14.00 11.44
CA ASP A 340 -0.58 12.60 11.48
C ASP A 340 -0.87 12.00 12.85
N ASP A 341 -1.61 12.76 13.67
CA ASP A 341 -1.98 12.30 15.01
C ASP A 341 -3.36 11.66 14.94
N TRP A 342 -3.43 10.39 15.33
CA TRP A 342 -4.68 9.65 15.32
C TRP A 342 -5.36 9.67 16.69
N ASN A 343 -6.15 10.71 16.94
CA ASN A 343 -6.85 10.84 18.22
C ASN A 343 -8.34 10.44 18.13
N PRO A 344 -9.05 10.44 19.27
CA PRO A 344 -10.49 10.09 19.29
C PRO A 344 -11.32 10.93 18.34
N CYS A 345 -11.02 12.22 18.28
CA CYS A 345 -11.74 13.13 17.39
C CYS A 345 -11.67 12.66 15.93
N LYS A 346 -10.46 12.46 15.41
CA LYS A 346 -10.27 12.00 14.03
C LYS A 346 -10.95 10.66 13.79
N ALA A 347 -10.76 9.75 14.74
CA ALA A 347 -11.32 8.41 14.65
C ALA A 347 -12.84 8.46 14.62
N ALA A 348 -13.44 9.30 15.47
CA ALA A 348 -14.89 9.43 15.50
C ALA A 348 -15.34 9.87 14.10
N GLY A 349 -14.61 10.83 13.53
CA GLY A 349 -14.95 11.30 12.18
C GLY A 349 -15.00 10.17 11.16
N VAL A 350 -13.93 9.36 11.12
CA VAL A 350 -13.84 8.22 10.20
C VAL A 350 -14.95 7.22 10.46
N CYS A 351 -15.16 6.88 11.74
CA CYS A 351 -16.22 5.96 12.10
C CYS A 351 -17.58 6.49 11.58
N LEU A 352 -17.86 7.77 11.81
CA LEU A 352 -19.11 8.39 11.31
C LEU A 352 -19.25 8.20 9.80
N MET A 353 -18.15 8.37 9.08
CA MET A 353 -18.16 8.21 7.63
C MET A 353 -18.48 6.76 7.29
N LEU A 354 -17.87 5.83 8.02
CA LEU A 354 -18.11 4.41 7.74
C LEU A 354 -19.56 4.02 8.08
N LEU A 355 -20.12 4.64 9.11
CA LEU A 355 -21.50 4.35 9.49
C LEU A 355 -22.46 4.84 8.39
N ALA A 356 -22.16 6.01 7.83
CA ALA A 356 -22.98 6.60 6.77
C ALA A 356 -22.96 5.77 5.48
N THR A 357 -21.82 5.18 5.15
CA THR A 357 -21.69 4.37 3.94
C THR A 357 -22.20 2.95 4.18
N CYS A 358 -22.26 2.55 5.44
CA CYS A 358 -22.73 1.22 5.79
C CYS A 358 -24.24 1.24 6.00
N CYS A 359 -24.74 2.29 6.66
CA CYS A 359 -26.17 2.42 6.96
C CYS A 359 -26.93 3.47 6.14
N GLU A 360 -26.24 4.18 5.27
CA GLU A 360 -26.87 5.18 4.41
C GLU A 360 -27.86 6.10 5.10
N ASP A 361 -28.90 6.47 4.35
CA ASP A 361 -29.96 7.36 4.83
C ASP A 361 -30.23 7.26 6.32
N ASP A 362 -30.37 6.02 6.80
CA ASP A 362 -30.63 5.75 8.20
C ASP A 362 -29.87 6.66 9.18
N ILE A 363 -28.74 7.21 8.74
CA ILE A 363 -27.93 8.05 9.61
C ILE A 363 -28.33 9.53 9.69
N VAL A 364 -28.93 10.04 8.61
CA VAL A 364 -29.33 11.44 8.55
C VAL A 364 -30.18 11.92 9.73
N PRO A 365 -31.27 11.20 10.02
CA PRO A 365 -32.10 11.65 11.15
C PRO A 365 -31.37 11.69 12.50
N HIS A 366 -30.36 10.86 12.67
CA HIS A 366 -29.61 10.83 13.91
C HIS A 366 -28.58 11.95 14.02
N VAL A 367 -28.03 12.36 12.87
CA VAL A 367 -27.01 13.40 12.87
C VAL A 367 -27.51 14.82 12.63
N LEU A 368 -28.49 15.00 11.75
CA LEU A 368 -29.01 16.34 11.43
C LEU A 368 -29.28 17.18 12.68
N PRO A 369 -29.93 16.59 13.68
CA PRO A 369 -30.21 17.35 14.90
C PRO A 369 -28.95 17.96 15.48
N PHE A 370 -27.91 17.14 15.64
CA PHE A 370 -26.65 17.64 16.20
C PHE A 370 -26.12 18.82 15.40
N ILE A 371 -26.16 18.68 14.08
CA ILE A 371 -25.68 19.71 13.17
C ILE A 371 -26.43 21.04 13.27
N LYS A 372 -27.76 20.99 13.29
CA LYS A 372 -28.54 22.23 13.40
C LYS A 372 -28.35 22.90 14.76
N GLU A 373 -28.31 22.09 15.82
CA GLU A 373 -28.15 22.63 17.15
C GLU A 373 -26.80 23.32 17.38
N HIS A 374 -25.75 22.84 16.71
CA HIS A 374 -24.44 23.43 16.93
C HIS A 374 -23.80 24.21 15.80
N ILE A 375 -24.44 24.22 14.63
CA ILE A 375 -23.88 24.93 13.48
C ILE A 375 -23.59 26.40 13.78
N LYS A 376 -24.24 26.95 14.79
CA LYS A 376 -24.06 28.37 15.15
C LYS A 376 -23.55 28.58 16.57
N ASN A 377 -23.19 27.49 17.25
CA ASN A 377 -22.72 27.61 18.61
C ASN A 377 -21.45 28.49 18.65
N PRO A 378 -21.43 29.50 19.52
CA PRO A 378 -20.29 30.43 19.66
C PRO A 378 -18.99 29.69 19.95
N ASP A 379 -19.12 28.51 20.53
CA ASP A 379 -17.98 27.66 20.87
C ASP A 379 -17.44 27.04 19.58
N TRP A 380 -16.22 27.40 19.18
CA TRP A 380 -15.66 26.86 17.93
C TRP A 380 -15.60 25.32 17.93
N ARG A 381 -15.43 24.72 19.09
CA ARG A 381 -15.38 23.27 19.17
C ARG A 381 -16.67 22.63 18.66
N TYR A 382 -17.82 23.11 19.12
CA TYR A 382 -19.08 22.55 18.64
C TYR A 382 -19.44 22.96 17.22
N ARG A 383 -19.07 24.18 16.84
CA ARG A 383 -19.37 24.69 15.51
C ARG A 383 -18.63 23.81 14.49
N ASP A 384 -17.36 23.57 14.77
CA ASP A 384 -16.54 22.73 13.90
C ASP A 384 -17.07 21.31 13.88
N ALA A 385 -17.44 20.79 15.04
CA ALA A 385 -17.97 19.43 15.13
C ALA A 385 -19.20 19.27 14.24
N ALA A 386 -20.08 20.26 14.26
CA ALA A 386 -21.30 20.26 13.46
C ALA A 386 -20.99 20.24 11.96
N VAL A 387 -20.06 21.09 11.54
CA VAL A 387 -19.68 21.15 10.13
C VAL A 387 -19.04 19.81 9.73
N MET A 388 -18.19 19.29 10.62
CA MET A 388 -17.50 18.04 10.38
C MET A 388 -18.49 16.90 10.18
N ALA A 389 -19.47 16.82 11.09
CA ALA A 389 -20.49 15.78 11.02
C ALA A 389 -21.21 15.91 9.70
N PHE A 390 -21.53 17.14 9.31
CA PHE A 390 -22.22 17.36 8.06
C PHE A 390 -21.39 16.76 6.92
N GLY A 391 -20.11 17.13 6.87
CA GLY A 391 -19.23 16.59 5.84
C GLY A 391 -19.07 15.08 5.89
N CYS A 392 -19.08 14.49 7.09
CA CYS A 392 -18.91 13.04 7.28
C CYS A 392 -20.05 12.12 6.83
N ILE A 393 -21.24 12.67 6.61
CA ILE A 393 -22.36 11.84 6.17
C ILE A 393 -22.84 12.17 4.75
N LEU A 394 -22.05 12.92 3.99
CA LEU A 394 -22.44 13.27 2.63
C LEU A 394 -22.29 12.07 1.70
N GLU A 395 -21.59 11.05 2.16
CA GLU A 395 -21.37 9.85 1.38
C GLU A 395 -22.08 8.67 2.02
N GLY A 396 -23.10 8.16 1.35
CA GLY A 396 -23.85 7.03 1.89
C GLY A 396 -25.31 7.20 1.59
N PRO A 397 -25.97 8.21 2.18
CA PRO A 397 -27.39 8.49 1.96
C PRO A 397 -27.64 8.80 0.49
N GLU A 398 -28.89 8.60 0.05
CA GLU A 398 -29.23 8.87 -1.34
C GLU A 398 -29.17 10.35 -1.70
N PRO A 399 -28.42 10.67 -2.76
CA PRO A 399 -28.25 12.05 -3.23
C PRO A 399 -29.57 12.79 -3.32
N SER A 400 -30.54 12.18 -4.01
CA SER A 400 -31.85 12.79 -4.19
C SER A 400 -32.37 13.32 -2.85
N GLN A 401 -32.14 12.54 -1.80
CA GLN A 401 -32.60 12.90 -0.47
C GLN A 401 -31.74 14.01 0.13
N LEU A 402 -30.44 13.98 -0.13
CA LEU A 402 -29.52 14.99 0.40
C LEU A 402 -29.46 16.31 -0.36
N LYS A 403 -29.81 16.29 -1.64
CA LYS A 403 -29.75 17.51 -2.44
C LYS A 403 -30.33 18.74 -1.75
N PRO A 404 -31.64 18.71 -1.43
CA PRO A 404 -32.31 19.83 -0.76
C PRO A 404 -31.66 20.27 0.54
N LEU A 405 -31.16 19.31 1.31
CA LEU A 405 -30.48 19.59 2.57
C LEU A 405 -29.22 20.40 2.30
N VAL A 406 -28.37 19.89 1.42
CA VAL A 406 -27.13 20.59 1.09
C VAL A 406 -27.45 21.94 0.44
N ILE A 407 -28.42 21.95 -0.46
CA ILE A 407 -28.82 23.19 -1.13
C ILE A 407 -29.15 24.26 -0.09
N GLN A 408 -29.93 23.89 0.92
CA GLN A 408 -30.31 24.84 1.97
C GLN A 408 -29.22 25.21 2.97
N ALA A 409 -28.17 24.39 3.08
CA ALA A 409 -27.08 24.66 4.00
C ALA A 409 -25.99 25.54 3.39
N MET A 410 -26.01 25.66 2.07
CA MET A 410 -25.00 26.46 1.36
C MET A 410 -24.75 27.86 1.93
N PRO A 411 -25.83 28.60 2.30
CA PRO A 411 -25.60 29.95 2.84
C PRO A 411 -24.71 29.94 4.09
N THR A 412 -24.95 28.98 4.97
CA THR A 412 -24.19 28.83 6.19
C THR A 412 -22.76 28.38 5.90
N LEU A 413 -22.60 27.45 4.96
CA LEU A 413 -21.26 26.94 4.62
C LEU A 413 -20.37 28.05 4.07
N ILE A 414 -20.95 28.91 3.25
CA ILE A 414 -20.21 30.01 2.65
C ILE A 414 -19.76 30.92 3.76
N GLU A 415 -20.68 31.26 4.66
CA GLU A 415 -20.33 32.11 5.77
C GLU A 415 -19.26 31.41 6.59
N LEU A 416 -19.41 30.10 6.78
CA LEU A 416 -18.43 29.32 7.55
C LEU A 416 -17.03 29.50 6.94
N MET A 417 -16.95 29.61 5.61
CA MET A 417 -15.67 29.81 4.95
C MET A 417 -15.00 31.07 5.50
N LYS A 418 -15.81 32.00 6.01
CA LYS A 418 -15.28 33.26 6.56
C LYS A 418 -15.28 33.32 8.08
N ASP A 419 -15.39 32.15 8.71
CA ASP A 419 -15.41 32.05 10.17
C ASP A 419 -14.07 32.47 10.76
N PRO A 420 -14.09 33.11 11.94
CA PRO A 420 -12.81 33.52 12.53
C PRO A 420 -11.88 32.35 12.89
N SER A 421 -12.45 31.29 13.45
CA SER A 421 -11.66 30.13 13.83
C SER A 421 -11.05 29.42 12.61
N VAL A 422 -9.75 29.20 12.68
CA VAL A 422 -9.00 28.53 11.61
C VAL A 422 -9.47 27.07 11.46
N VAL A 423 -9.86 26.46 12.58
CA VAL A 423 -10.32 25.08 12.56
C VAL A 423 -11.63 24.94 11.77
N VAL A 424 -12.56 25.86 12.02
CA VAL A 424 -13.85 25.85 11.33
C VAL A 424 -13.67 26.01 9.82
N ARG A 425 -12.87 26.99 9.41
CA ARG A 425 -12.64 27.22 7.98
C ARG A 425 -11.95 26.01 7.35
N ASP A 426 -11.05 25.38 8.10
CA ASP A 426 -10.34 24.20 7.61
C ASP A 426 -11.37 23.12 7.24
N THR A 427 -12.28 22.86 8.17
CA THR A 427 -13.33 21.85 7.99
C THR A 427 -14.33 22.29 6.91
N ALA A 428 -14.64 23.58 6.91
CA ALA A 428 -15.57 24.14 5.93
C ALA A 428 -15.01 23.91 4.52
N ALA A 429 -13.73 24.22 4.33
CA ALA A 429 -13.09 24.03 3.03
C ALA A 429 -13.18 22.56 2.61
N TRP A 430 -13.03 21.66 3.57
CA TRP A 430 -13.11 20.22 3.30
C TRP A 430 -14.51 19.77 2.91
N THR A 431 -15.51 20.30 3.60
CA THR A 431 -16.90 19.92 3.33
C THR A 431 -17.34 20.42 1.96
N VAL A 432 -16.85 21.59 1.58
CA VAL A 432 -17.16 22.16 0.27
C VAL A 432 -16.65 21.19 -0.78
N GLY A 433 -15.41 20.73 -0.58
CA GLY A 433 -14.82 19.79 -1.51
C GLY A 433 -15.64 18.52 -1.60
N ARG A 434 -16.04 17.99 -0.44
CA ARG A 434 -16.84 16.77 -0.40
C ARG A 434 -18.15 16.92 -1.19
N ILE A 435 -18.77 18.09 -1.07
CA ILE A 435 -20.03 18.37 -1.78
C ILE A 435 -19.84 18.35 -3.28
N CYS A 436 -18.71 18.90 -3.73
CA CYS A 436 -18.39 18.94 -5.16
C CYS A 436 -18.22 17.53 -5.71
N GLU A 437 -17.78 16.62 -4.85
CA GLU A 437 -17.54 15.24 -5.25
C GLU A 437 -18.73 14.32 -5.08
N LEU A 438 -19.60 14.65 -4.14
CA LEU A 438 -20.76 13.81 -3.86
C LEU A 438 -22.10 14.39 -4.33
N LEU A 439 -22.30 15.69 -4.14
CA LEU A 439 -23.54 16.33 -4.56
C LEU A 439 -23.23 17.62 -5.31
N PRO A 440 -22.52 17.50 -6.45
CA PRO A 440 -22.11 18.62 -7.32
C PRO A 440 -23.19 19.64 -7.64
N GLU A 441 -24.37 19.16 -8.01
CA GLU A 441 -25.50 20.02 -8.35
C GLU A 441 -25.67 21.17 -7.35
N ALA A 442 -25.39 20.89 -6.08
CA ALA A 442 -25.52 21.88 -5.03
C ALA A 442 -24.51 23.03 -5.15
N ALA A 443 -23.40 22.77 -5.82
CA ALA A 443 -22.37 23.79 -5.99
C ALA A 443 -22.40 24.34 -7.42
N ILE A 444 -22.35 23.45 -8.39
CA ILE A 444 -22.37 23.86 -9.79
C ILE A 444 -23.76 24.35 -10.19
N ASN A 445 -24.17 25.48 -9.62
CA ASN A 445 -25.47 26.07 -9.92
C ASN A 445 -25.26 27.56 -10.21
N ASP A 446 -26.29 28.21 -10.74
CA ASP A 446 -26.17 29.62 -11.08
C ASP A 446 -26.49 30.57 -9.94
N VAL A 447 -26.26 30.14 -8.71
CA VAL A 447 -26.51 30.97 -7.54
C VAL A 447 -25.39 30.83 -6.50
N TYR A 448 -24.84 29.64 -6.38
CA TYR A 448 -23.77 29.40 -5.40
C TYR A 448 -22.40 29.21 -6.04
N LEU A 449 -22.38 28.83 -7.31
CA LEU A 449 -21.14 28.60 -8.04
C LEU A 449 -20.22 29.81 -8.04
N ALA A 450 -20.80 31.01 -8.07
CA ALA A 450 -20.01 32.23 -8.08
C ALA A 450 -19.49 32.62 -6.70
N PRO A 451 -20.38 32.68 -5.69
CA PRO A 451 -19.91 33.06 -4.34
C PRO A 451 -18.94 32.00 -3.81
N LEU A 452 -19.13 30.76 -4.25
CA LEU A 452 -18.28 29.65 -3.84
C LEU A 452 -16.85 29.92 -4.36
N LEU A 453 -16.74 30.08 -5.68
CA LEU A 453 -15.45 30.37 -6.32
C LEU A 453 -14.78 31.56 -5.66
N GLN A 454 -15.57 32.56 -5.32
CA GLN A 454 -15.06 33.77 -4.67
C GLN A 454 -14.40 33.46 -3.32
N CYS A 455 -15.06 32.64 -2.50
CA CYS A 455 -14.50 32.29 -1.19
C CYS A 455 -13.33 31.35 -1.35
N LEU A 456 -13.43 30.43 -2.29
CA LEU A 456 -12.32 29.51 -2.53
C LEU A 456 -11.08 30.32 -2.94
N ILE A 457 -11.23 31.21 -3.92
CA ILE A 457 -10.11 32.02 -4.35
C ILE A 457 -9.53 32.77 -3.15
N GLU A 458 -10.40 33.42 -2.38
CA GLU A 458 -9.93 34.14 -1.18
C GLU A 458 -9.26 33.21 -0.18
N GLY A 459 -9.73 31.97 -0.13
CA GLY A 459 -9.15 30.99 0.79
C GLY A 459 -7.69 30.69 0.51
N LEU A 460 -7.30 30.77 -0.76
CA LEU A 460 -5.91 30.50 -1.17
C LEU A 460 -4.93 31.40 -0.42
N SER A 461 -5.43 32.48 0.17
CA SER A 461 -4.60 33.42 0.91
C SER A 461 -4.64 33.15 2.42
N ALA A 462 -5.58 32.29 2.84
CA ALA A 462 -5.71 31.96 4.25
C ALA A 462 -4.51 31.14 4.72
N GLU A 463 -4.50 30.80 6.00
CA GLU A 463 -3.44 30.01 6.60
C GLU A 463 -3.32 28.71 5.82
N PRO A 464 -2.10 28.11 5.79
CA PRO A 464 -1.80 26.86 5.07
C PRO A 464 -2.80 25.73 5.33
N ARG A 465 -3.13 25.55 6.60
CA ARG A 465 -4.07 24.53 7.03
C ARG A 465 -5.39 24.63 6.25
N VAL A 466 -5.81 25.84 5.95
CA VAL A 466 -7.04 26.10 5.22
C VAL A 466 -6.76 26.18 3.71
N ALA A 467 -5.75 26.96 3.35
CA ALA A 467 -5.35 27.10 1.95
C ALA A 467 -5.16 25.72 1.32
N SER A 468 -4.52 24.80 2.03
CA SER A 468 -4.31 23.45 1.53
C SER A 468 -5.64 22.76 1.27
N ASN A 469 -6.56 22.83 2.23
CA ASN A 469 -7.86 22.20 2.03
C ASN A 469 -8.61 22.92 0.89
N VAL A 470 -8.38 24.22 0.74
CA VAL A 470 -9.05 24.95 -0.33
C VAL A 470 -8.56 24.48 -1.68
N CYS A 471 -7.29 24.11 -1.73
CA CYS A 471 -6.71 23.58 -2.96
C CYS A 471 -7.40 22.27 -3.34
N TRP A 472 -7.62 21.41 -2.35
CA TRP A 472 -8.29 20.14 -2.61
C TRP A 472 -9.72 20.40 -3.05
N ALA A 473 -10.34 21.41 -2.46
CA ALA A 473 -11.71 21.76 -2.83
C ALA A 473 -11.72 22.17 -4.30
N PHE A 474 -10.87 23.11 -4.68
CA PHE A 474 -10.79 23.57 -6.07
C PHE A 474 -10.57 22.37 -6.97
N SER A 475 -9.67 21.50 -6.54
CA SER A 475 -9.36 20.29 -7.28
C SER A 475 -10.60 19.43 -7.58
N SER A 476 -11.55 19.40 -6.65
CA SER A 476 -12.76 18.61 -6.85
C SER A 476 -13.80 19.36 -7.68
N LEU A 477 -13.94 20.66 -7.42
CA LEU A 477 -14.89 21.49 -8.15
C LEU A 477 -14.61 21.43 -9.65
N ALA A 478 -13.33 21.41 -10.01
CA ALA A 478 -12.93 21.34 -11.42
C ALA A 478 -13.23 19.94 -11.95
N GLU A 479 -12.94 18.93 -11.14
CA GLU A 479 -13.19 17.56 -11.53
C GLU A 479 -14.68 17.34 -11.74
N ALA A 480 -15.49 18.11 -11.01
CA ALA A 480 -16.94 18.00 -11.10
C ALA A 480 -17.45 18.79 -12.29
N ALA A 481 -17.00 20.03 -12.43
CA ALA A 481 -17.41 20.90 -13.52
C ALA A 481 -17.00 20.32 -14.87
N TYR A 482 -16.17 19.28 -14.81
CA TYR A 482 -15.65 18.62 -16.00
C TYR A 482 -16.43 17.33 -16.29
N GLU A 483 -16.59 16.48 -15.27
CA GLU A 483 -17.33 15.23 -15.41
C GLU A 483 -18.76 15.53 -15.84
N ALA A 484 -19.10 16.81 -15.87
CA ALA A 484 -20.45 17.23 -16.26
C ALA A 484 -20.37 18.18 -17.46
N ALA A 485 -19.48 17.86 -18.40
CA ALA A 485 -19.30 18.68 -19.59
C ALA A 485 -19.64 17.88 -20.86
N ASP A 486 -19.49 16.56 -20.77
CA ASP A 486 -19.78 15.69 -21.91
C ASP A 486 -21.15 15.02 -21.81
N VAL A 487 -21.16 13.70 -21.93
CA VAL A 487 -22.40 12.93 -21.87
C VAL A 487 -23.35 13.34 -22.99
N ALA A 488 -24.25 14.26 -22.68
CA ALA A 488 -25.22 14.75 -23.66
C ALA A 488 -25.94 13.61 -24.36
N ASP A 489 -25.48 13.27 -25.56
CA ASP A 489 -26.09 12.19 -26.34
C ASP A 489 -25.04 11.43 -27.13
N ASP A 490 -23.80 11.91 -27.10
CA ASP A 490 -22.70 11.27 -27.82
C ASP A 490 -21.53 10.96 -26.89
N GLN A 491 -20.49 10.36 -27.45
CA GLN A 491 -19.30 10.01 -26.68
C GLN A 491 -18.07 10.73 -27.22
N GLU A 492 -17.95 12.01 -26.89
CA GLU A 492 -16.83 12.82 -27.34
C GLU A 492 -16.22 13.58 -26.17
N GLU A 493 -15.30 14.49 -26.49
CA GLU A 493 -14.64 15.29 -25.47
C GLU A 493 -15.42 16.57 -25.21
N PRO A 494 -15.33 17.11 -23.98
CA PRO A 494 -16.04 18.34 -23.60
C PRO A 494 -15.63 19.54 -24.45
N ALA A 495 -16.22 20.70 -24.17
CA ALA A 495 -15.91 21.90 -24.93
C ALA A 495 -15.64 23.11 -24.04
N THR A 496 -16.66 23.54 -23.31
CA THR A 496 -16.54 24.70 -22.42
C THR A 496 -17.46 24.59 -21.20
N TYR A 497 -16.89 24.22 -20.06
CA TYR A 497 -17.67 24.09 -18.83
C TYR A 497 -17.87 25.40 -18.08
N CYS A 498 -18.44 25.31 -16.87
CA CYS A 498 -18.75 26.48 -16.05
C CYS A 498 -17.56 27.26 -15.47
N LEU A 499 -16.37 26.69 -15.53
CA LEU A 499 -15.19 27.36 -15.00
C LEU A 499 -14.39 28.07 -16.10
N SER A 500 -14.56 27.62 -17.34
CA SER A 500 -13.86 28.22 -18.48
C SER A 500 -13.81 29.74 -18.36
N SER A 501 -14.93 30.31 -17.91
CA SER A 501 -15.06 31.74 -17.74
C SER A 501 -14.03 32.31 -16.75
N SER A 502 -13.54 31.46 -15.86
CA SER A 502 -12.57 31.89 -14.85
C SER A 502 -11.35 30.99 -14.73
N PHE A 503 -11.23 30.02 -15.64
CA PHE A 503 -10.11 29.08 -15.64
C PHE A 503 -8.75 29.74 -15.47
N GLU A 504 -8.58 30.92 -16.06
CA GLU A 504 -7.30 31.61 -15.98
C GLU A 504 -7.05 32.31 -14.64
N LEU A 505 -8.08 32.97 -14.12
CA LEU A 505 -7.95 33.65 -12.82
C LEU A 505 -7.53 32.63 -11.78
N ILE A 506 -8.00 31.40 -11.95
CA ILE A 506 -7.71 30.31 -11.03
C ILE A 506 -6.26 29.79 -11.16
N VAL A 507 -5.79 29.56 -12.39
CA VAL A 507 -4.44 29.05 -12.57
C VAL A 507 -3.41 30.07 -12.06
N GLN A 508 -3.70 31.35 -12.25
CA GLN A 508 -2.80 32.41 -11.80
C GLN A 508 -2.79 32.50 -10.27
N LYS A 509 -3.94 32.27 -9.65
CA LYS A 509 -4.02 32.33 -8.20
C LYS A 509 -3.31 31.12 -7.58
N LEU A 510 -3.47 29.94 -8.19
CA LEU A 510 -2.80 28.75 -7.68
C LEU A 510 -1.31 28.98 -7.86
N LEU A 511 -0.95 29.63 -8.97
CA LEU A 511 0.44 29.92 -9.25
C LEU A 511 0.98 30.88 -8.20
N GLU A 512 0.11 31.74 -7.67
CA GLU A 512 0.55 32.68 -6.64
C GLU A 512 0.65 31.96 -5.30
N THR A 513 -0.36 31.15 -4.98
CA THR A 513 -0.36 30.40 -3.73
C THR A 513 0.97 29.65 -3.69
N THR A 514 1.28 29.07 -4.83
CA THR A 514 2.52 28.31 -5.02
C THR A 514 3.75 29.14 -4.69
N ASP A 515 3.61 30.46 -4.75
CA ASP A 515 4.74 31.35 -4.44
C ASP A 515 4.67 31.93 -3.04
N ARG A 516 4.53 31.05 -2.04
CA ARG A 516 4.46 31.47 -0.65
C ARG A 516 5.59 30.85 0.19
N PRO A 517 6.10 31.60 1.18
CA PRO A 517 7.17 31.17 2.06
C PRO A 517 7.07 29.69 2.44
N ASP A 518 8.00 28.90 1.90
CA ASP A 518 8.05 27.44 2.13
C ASP A 518 8.17 26.99 3.59
N GLY A 519 8.40 25.69 3.76
CA GLY A 519 8.53 25.12 5.09
C GLY A 519 7.15 25.15 5.72
N HIS A 520 6.24 25.81 5.02
CA HIS A 520 4.86 25.96 5.45
C HIS A 520 4.29 24.60 5.76
N GLN A 521 3.36 24.59 6.70
CA GLN A 521 2.73 23.36 7.13
C GLN A 521 1.76 22.82 6.10
N ASN A 522 1.12 21.71 6.45
CA ASN A 522 0.11 21.08 5.63
C ASN A 522 0.44 21.07 4.13
N ASN A 523 1.73 20.95 3.82
CA ASN A 523 2.20 20.93 2.45
C ASN A 523 1.33 21.76 1.52
N LEU A 524 1.34 23.06 1.75
CA LEU A 524 0.56 23.99 0.94
C LEU A 524 1.08 23.90 -0.49
N ARG A 525 2.33 24.29 -0.69
CA ARG A 525 2.94 24.29 -2.01
C ARG A 525 2.62 23.03 -2.79
N SER A 526 2.89 21.88 -2.20
CA SER A 526 2.61 20.60 -2.85
C SER A 526 1.14 20.53 -3.24
N SER A 527 0.27 21.04 -2.38
CA SER A 527 -1.17 21.03 -2.61
C SER A 527 -1.60 21.95 -3.76
N ALA A 528 -1.02 23.14 -3.82
CA ALA A 528 -1.36 24.09 -4.88
C ALA A 528 -0.91 23.54 -6.24
N TYR A 529 0.34 23.10 -6.33
CA TYR A 529 0.85 22.52 -7.57
C TYR A 529 -0.03 21.34 -7.93
N GLU A 530 -0.37 20.55 -6.93
CA GLU A 530 -1.21 19.38 -7.16
C GLU A 530 -2.56 19.83 -7.70
N SER A 531 -3.08 20.91 -7.14
CA SER A 531 -4.37 21.43 -7.57
C SER A 531 -4.25 21.93 -9.01
N LEU A 532 -3.20 22.68 -9.29
CA LEU A 532 -2.97 23.21 -10.63
C LEU A 532 -2.95 22.04 -11.61
N MET A 533 -2.22 20.99 -11.25
CA MET A 533 -2.13 19.81 -12.10
C MET A 533 -3.50 19.23 -12.40
N GLU A 534 -4.39 19.29 -11.40
CA GLU A 534 -5.73 18.75 -11.53
C GLU A 534 -6.69 19.61 -12.34
N ILE A 535 -6.65 20.92 -12.10
CA ILE A 535 -7.52 21.82 -12.85
C ILE A 535 -7.18 21.78 -14.34
N VAL A 536 -5.88 21.74 -14.65
CA VAL A 536 -5.42 21.66 -16.02
C VAL A 536 -5.94 20.39 -16.67
N LYS A 537 -5.61 19.26 -16.06
CA LYS A 537 -6.03 17.95 -16.56
C LYS A 537 -7.54 17.91 -16.79
N ASN A 538 -8.30 18.61 -15.94
CA ASN A 538 -9.76 18.64 -16.04
C ASN A 538 -10.26 19.89 -16.73
N SER A 539 -9.55 20.32 -17.76
CA SER A 539 -9.95 21.50 -18.52
C SER A 539 -10.53 21.01 -19.84
N ALA A 540 -11.49 21.77 -20.36
CA ALA A 540 -12.14 21.43 -21.62
C ALA A 540 -11.28 21.86 -22.80
N LYS A 541 -11.91 22.10 -23.95
CA LYS A 541 -11.21 22.53 -25.15
C LYS A 541 -10.85 24.01 -25.08
N ASP A 542 -11.87 24.85 -24.97
CA ASP A 542 -11.69 26.31 -24.89
C ASP A 542 -10.72 26.75 -23.81
N CYS A 543 -10.06 25.79 -23.17
CA CYS A 543 -9.08 26.09 -22.12
C CYS A 543 -7.67 26.02 -22.72
N TYR A 544 -7.56 25.26 -23.82
CA TYR A 544 -6.30 25.06 -24.53
C TYR A 544 -5.34 26.26 -24.51
N PRO A 545 -5.80 27.44 -24.95
CA PRO A 545 -4.93 28.61 -24.95
C PRO A 545 -4.39 28.96 -23.56
N ALA A 546 -5.24 28.79 -22.55
CA ALA A 546 -4.83 29.09 -21.17
C ALA A 546 -3.78 28.05 -20.75
N VAL A 547 -4.02 26.79 -21.10
CA VAL A 547 -3.10 25.71 -20.78
C VAL A 547 -1.78 25.92 -21.53
N GLN A 548 -1.88 26.41 -22.75
CA GLN A 548 -0.71 26.68 -23.58
C GLN A 548 0.28 27.58 -22.84
N LYS A 549 -0.18 28.75 -22.43
CA LYS A 549 0.68 29.69 -21.73
C LYS A 549 1.09 29.20 -20.34
N THR A 550 0.27 28.38 -19.72
CA THR A 550 0.62 27.87 -18.41
C THR A 550 1.84 26.97 -18.60
N THR A 551 1.90 26.31 -19.76
CA THR A 551 2.99 25.42 -20.10
C THR A 551 4.28 26.21 -20.22
N LEU A 552 4.18 27.44 -20.71
CA LEU A 552 5.34 28.31 -20.86
C LEU A 552 5.82 28.81 -19.51
N VAL A 553 4.87 29.07 -18.62
CA VAL A 553 5.18 29.54 -17.28
C VAL A 553 5.96 28.46 -16.54
N ILE A 554 5.46 27.23 -16.61
CA ILE A 554 6.13 26.11 -15.95
C ILE A 554 7.57 25.99 -16.43
N MET A 555 7.76 26.06 -17.74
CA MET A 555 9.11 25.99 -18.29
C MET A 555 9.99 27.12 -17.75
N GLU A 556 9.53 28.37 -17.92
CA GLU A 556 10.31 29.49 -17.43
C GLU A 556 10.65 29.30 -15.96
N ARG A 557 9.67 28.93 -15.16
CA ARG A 557 9.87 28.71 -13.73
C ARG A 557 10.91 27.62 -13.53
N LEU A 558 10.79 26.56 -14.31
CA LEU A 558 11.72 25.45 -14.21
C LEU A 558 13.14 25.93 -14.54
N GLN A 559 13.24 26.93 -15.39
CA GLN A 559 14.55 27.45 -15.78
C GLN A 559 15.08 28.46 -14.77
N GLN A 560 14.19 29.24 -14.17
CA GLN A 560 14.61 30.22 -13.17
C GLN A 560 15.15 29.48 -11.96
N VAL A 561 14.57 28.33 -11.67
CA VAL A 561 15.00 27.50 -10.55
C VAL A 561 16.36 26.88 -10.81
N LEU A 562 16.64 26.54 -12.07
CA LEU A 562 17.92 25.93 -12.43
C LEU A 562 19.14 26.75 -12.00
N GLN A 563 19.19 28.02 -12.39
CA GLN A 563 20.32 28.88 -12.04
C GLN A 563 20.16 29.46 -10.64
N MET A 564 19.33 28.80 -9.84
CA MET A 564 19.06 29.22 -8.47
C MET A 564 20.12 28.60 -7.56
N GLU A 565 21.04 27.85 -8.18
CA GLU A 565 22.12 27.19 -7.45
C GLU A 565 23.09 28.21 -6.84
N SER A 566 22.65 29.45 -6.75
CA SER A 566 23.48 30.52 -6.19
C SER A 566 23.42 30.55 -4.67
N HIS A 567 22.27 30.20 -4.12
CA HIS A 567 22.10 30.20 -2.67
C HIS A 567 21.72 28.81 -2.16
N ILE A 568 22.24 27.79 -2.83
CA ILE A 568 21.96 26.41 -2.45
C ILE A 568 22.95 25.89 -1.41
N GLN A 569 22.71 26.25 -0.15
CA GLN A 569 23.56 25.80 0.95
C GLN A 569 22.72 25.68 2.22
N SER A 570 23.16 24.81 3.12
CA SER A 570 22.46 24.57 4.38
C SER A 570 21.26 23.67 4.13
N THR A 571 21.28 22.48 4.73
CA THR A 571 20.20 21.51 4.58
C THR A 571 18.91 22.10 5.14
N SER A 572 18.20 22.82 4.28
CA SER A 572 16.93 23.44 4.64
C SER A 572 16.51 24.35 3.50
N ASP A 573 17.50 25.02 2.93
CA ASP A 573 17.27 25.92 1.80
C ASP A 573 17.33 25.09 0.53
N ARG A 574 18.03 23.96 0.61
CA ARG A 574 18.17 23.08 -0.55
C ARG A 574 17.04 22.05 -0.63
N ILE A 575 16.44 21.72 0.50
CA ILE A 575 15.36 20.75 0.51
C ILE A 575 14.11 21.33 -0.15
N GLN A 576 13.95 22.64 -0.05
CA GLN A 576 12.81 23.33 -0.66
C GLN A 576 13.08 23.43 -2.16
N PHE A 577 14.36 23.53 -2.50
CA PHE A 577 14.82 23.64 -3.87
C PHE A 577 14.59 22.31 -4.62
N ASN A 578 14.95 21.21 -3.98
CA ASN A 578 14.79 19.90 -4.62
C ASN A 578 13.32 19.53 -4.82
N ASP A 579 12.46 19.99 -3.93
CA ASP A 579 11.04 19.67 -4.04
C ASP A 579 10.34 20.61 -5.01
N LEU A 580 10.89 21.81 -5.19
CA LEU A 580 10.32 22.77 -6.12
C LEU A 580 10.55 22.21 -7.52
N GLN A 581 11.76 21.71 -7.74
CA GLN A 581 12.14 21.12 -9.02
C GLN A 581 11.25 19.90 -9.26
N SER A 582 11.08 19.11 -8.19
CA SER A 582 10.27 17.90 -8.25
C SER A 582 8.81 18.22 -8.56
N LEU A 583 8.29 19.29 -7.96
CA LEU A 583 6.90 19.70 -8.16
C LEU A 583 6.65 20.27 -9.58
N LEU A 584 7.66 20.92 -10.14
CA LEU A 584 7.54 21.49 -11.48
C LEU A 584 7.64 20.41 -12.55
N CYS A 585 8.50 19.42 -12.32
CA CYS A 585 8.65 18.33 -13.27
C CYS A 585 7.32 17.57 -13.38
N ALA A 586 6.75 17.24 -12.23
CA ALA A 586 5.49 16.51 -12.19
C ALA A 586 4.37 17.33 -12.84
N THR A 587 4.44 18.65 -12.69
CA THR A 587 3.45 19.54 -13.29
C THR A 587 3.60 19.55 -14.81
N LEU A 588 4.85 19.67 -15.26
CA LEU A 588 5.14 19.68 -16.70
C LEU A 588 4.58 18.42 -17.35
N GLN A 589 4.57 17.33 -16.59
CA GLN A 589 4.06 16.07 -17.10
C GLN A 589 2.58 16.17 -17.41
N ASN A 590 1.86 16.94 -16.58
CA ASN A 590 0.42 17.08 -16.75
C ASN A 590 -0.01 17.99 -17.89
N VAL A 591 0.62 19.15 -18.04
CA VAL A 591 0.23 20.04 -19.12
C VAL A 591 0.71 19.47 -20.45
N LEU A 592 1.82 18.75 -20.41
CA LEU A 592 2.39 18.15 -21.61
C LEU A 592 1.37 17.25 -22.29
N ARG A 593 0.59 16.53 -21.50
CA ARG A 593 -0.42 15.63 -22.02
C ARG A 593 -1.69 16.35 -22.42
N LYS A 594 -1.73 17.66 -22.21
CA LYS A 594 -2.93 18.44 -22.52
C LYS A 594 -2.78 19.39 -23.70
N VAL A 595 -1.55 19.80 -24.02
CA VAL A 595 -1.34 20.70 -25.16
C VAL A 595 -1.30 19.84 -26.44
N GLN A 596 -1.30 20.48 -27.60
CA GLN A 596 -1.26 19.72 -28.85
C GLN A 596 0.08 19.02 -29.05
N HIS A 597 0.23 18.37 -30.19
CA HIS A 597 1.46 17.65 -30.50
C HIS A 597 2.54 18.62 -30.98
N GLN A 598 2.13 19.61 -31.76
CA GLN A 598 3.07 20.59 -32.28
C GLN A 598 3.72 21.39 -31.15
N ASP A 599 2.97 21.58 -30.07
CA ASP A 599 3.48 22.33 -28.92
C ASP A 599 4.66 21.62 -28.29
N ALA A 600 4.65 20.30 -28.35
CA ALA A 600 5.73 19.49 -27.80
C ALA A 600 6.96 19.60 -28.71
N LEU A 601 6.74 19.55 -30.01
CA LEU A 601 7.82 19.65 -30.97
C LEU A 601 8.45 21.05 -30.96
N GLN A 602 7.68 22.04 -30.53
CA GLN A 602 8.18 23.43 -30.49
C GLN A 602 8.80 23.75 -29.14
N ILE A 603 8.67 22.82 -28.20
CA ILE A 603 9.21 23.01 -26.85
C ILE A 603 10.23 21.95 -26.45
N SER A 604 10.14 20.77 -27.06
CA SER A 604 11.02 19.64 -26.77
C SER A 604 12.49 20.01 -26.57
N ASP A 605 13.03 20.83 -27.48
CA ASP A 605 14.43 21.23 -27.38
C ASP A 605 14.73 21.94 -26.07
N VAL A 606 13.76 22.69 -25.56
CA VAL A 606 13.94 23.43 -24.32
C VAL A 606 13.89 22.51 -23.10
N VAL A 607 12.87 21.66 -23.05
CA VAL A 607 12.69 20.75 -21.93
C VAL A 607 13.84 19.74 -21.75
N MET A 608 14.23 19.07 -22.82
CA MET A 608 15.32 18.10 -22.73
C MET A 608 16.55 18.76 -22.13
N ALA A 609 16.92 19.92 -22.67
CA ALA A 609 18.06 20.66 -22.16
C ALA A 609 17.88 20.87 -20.65
N SER A 610 16.70 21.33 -20.26
CA SER A 610 16.40 21.57 -18.85
C SER A 610 16.43 20.28 -18.05
N LEU A 611 15.52 19.36 -18.36
CA LEU A 611 15.45 18.09 -17.65
C LEU A 611 16.81 17.41 -17.60
N LEU A 612 17.63 17.68 -18.61
CA LEU A 612 18.97 17.09 -18.69
C LEU A 612 19.85 17.63 -17.56
N ARG A 613 19.92 18.96 -17.45
CA ARG A 613 20.74 19.62 -16.43
C ARG A 613 20.42 19.11 -15.02
N MET A 614 19.13 18.86 -14.78
CA MET A 614 18.66 18.40 -13.48
C MET A 614 19.06 16.99 -13.07
N PHE A 615 19.01 16.05 -14.00
CA PHE A 615 19.37 14.67 -13.67
C PHE A 615 20.76 14.60 -13.04
N GLN A 616 21.13 13.51 -12.57
N SER A 621 21.39 14.64 -4.86
CA SER A 621 19.91 14.60 -4.65
C SER A 621 19.37 13.18 -4.78
N GLY A 622 18.64 12.92 -5.87
CA GLY A 622 18.08 11.59 -6.08
C GLY A 622 16.60 11.63 -6.44
N GLY A 623 15.82 12.35 -5.65
CA GLY A 623 14.40 12.44 -5.91
C GLY A 623 14.13 13.23 -7.20
N VAL A 624 15.08 14.08 -7.56
CA VAL A 624 14.96 14.88 -8.76
C VAL A 624 15.21 14.01 -10.00
N GLN A 625 16.20 13.12 -9.92
CA GLN A 625 16.51 12.22 -11.03
C GLN A 625 15.27 11.45 -11.44
N GLU A 626 14.65 10.80 -10.46
CA GLU A 626 13.44 10.01 -10.67
C GLU A 626 12.36 10.86 -11.33
N ASP A 627 12.29 12.14 -10.95
CA ASP A 627 11.29 13.04 -11.52
C ASP A 627 11.68 13.49 -12.91
N ALA A 628 12.98 13.64 -13.14
CA ALA A 628 13.46 14.06 -14.44
C ALA A 628 13.16 12.94 -15.42
N LEU A 629 13.60 11.73 -15.08
CA LEU A 629 13.37 10.57 -15.93
C LEU A 629 11.88 10.42 -16.24
N MET A 630 11.04 10.60 -15.22
CA MET A 630 9.62 10.48 -15.44
C MET A 630 9.13 11.59 -16.39
N ALA A 631 9.73 12.77 -16.29
CA ALA A 631 9.34 13.88 -17.14
C ALA A 631 9.73 13.54 -18.58
N VAL A 632 10.89 12.91 -18.73
CA VAL A 632 11.38 12.51 -20.04
C VAL A 632 10.47 11.44 -20.63
N SER A 633 9.99 10.53 -19.77
CA SER A 633 9.08 9.49 -20.23
C SER A 633 7.85 10.13 -20.85
N THR A 634 7.29 11.11 -20.18
CA THR A 634 6.12 11.79 -20.71
C THR A 634 6.45 12.47 -22.02
N LEU A 635 7.61 13.12 -22.11
CA LEU A 635 8.00 13.78 -23.35
C LEU A 635 8.19 12.74 -24.46
N VAL A 636 8.72 11.58 -24.10
CA VAL A 636 8.92 10.49 -25.07
C VAL A 636 7.57 9.98 -25.58
N GLU A 637 6.56 9.99 -24.73
CA GLU A 637 5.23 9.53 -25.12
C GLU A 637 4.60 10.55 -26.06
N VAL A 638 4.88 11.83 -25.80
CA VAL A 638 4.31 12.89 -26.62
C VAL A 638 5.07 13.09 -27.94
N LEU A 639 6.40 13.02 -27.88
CA LEU A 639 7.20 13.17 -29.09
C LEU A 639 7.06 11.97 -30.01
N GLY A 640 6.98 10.78 -29.42
CA GLY A 640 6.87 9.57 -30.22
C GLY A 640 8.17 9.33 -30.97
N GLY A 641 8.07 8.89 -32.22
CA GLY A 641 9.26 8.63 -33.01
C GLY A 641 10.17 9.83 -33.14
N GLU A 642 9.58 11.02 -33.13
CA GLU A 642 10.36 12.23 -33.27
C GLU A 642 11.35 12.41 -32.13
N PHE A 643 11.37 11.47 -31.20
CA PHE A 643 12.30 11.56 -30.08
C PHE A 643 13.66 10.97 -30.44
N LEU A 644 13.69 10.18 -31.51
CA LEU A 644 14.94 9.55 -31.94
C LEU A 644 16.10 10.52 -32.03
N LYS A 645 15.79 11.79 -32.25
CA LYS A 645 16.81 12.84 -32.36
C LYS A 645 17.69 13.00 -31.12
N TYR A 646 17.13 12.80 -29.94
CA TYR A 646 17.89 12.95 -28.70
C TYR A 646 18.58 11.69 -28.20
N MET A 647 18.24 10.54 -28.79
CA MET A 647 18.81 9.27 -28.36
C MET A 647 20.32 9.19 -28.24
N GLU A 648 21.04 9.96 -29.06
CA GLU A 648 22.49 9.93 -28.99
C GLU A 648 23.02 10.68 -27.77
N ALA A 649 22.46 11.86 -27.53
CA ALA A 649 22.88 12.68 -26.40
C ALA A 649 22.33 12.15 -25.07
N PHE A 650 21.18 11.49 -25.13
CA PHE A 650 20.53 10.94 -23.94
C PHE A 650 21.01 9.54 -23.57
N LYS A 651 21.55 8.82 -24.55
CA LYS A 651 22.03 7.45 -24.31
C LYS A 651 22.82 7.26 -23.02
N PRO A 652 23.91 8.04 -22.83
CA PRO A 652 24.73 7.91 -21.61
C PRO A 652 24.00 8.12 -20.30
N PHE A 653 23.01 9.00 -20.29
CA PHE A 653 22.25 9.29 -19.09
C PHE A 653 21.27 8.17 -18.73
N LEU A 654 20.53 7.69 -19.72
CA LEU A 654 19.58 6.60 -19.51
C LEU A 654 20.35 5.40 -18.98
N GLY A 655 21.55 5.20 -19.52
CA GLY A 655 22.39 4.11 -19.10
C GLY A 655 22.82 4.31 -17.66
N ILE A 656 22.91 5.57 -17.25
CA ILE A 656 23.29 5.92 -15.89
C ILE A 656 22.23 5.44 -14.91
N GLY A 657 20.99 5.85 -15.17
CA GLY A 657 19.88 5.45 -14.33
C GLY A 657 19.76 3.95 -14.13
N LEU A 658 19.97 3.19 -15.20
CA LEU A 658 19.87 1.73 -15.13
C LEU A 658 21.04 1.12 -14.36
N LYS A 659 22.24 1.60 -14.65
CA LYS A 659 23.46 1.10 -14.02
C LYS A 659 23.52 1.27 -12.50
N ASN A 660 22.91 2.33 -11.99
CA ASN A 660 22.94 2.60 -10.56
C ASN A 660 22.28 1.55 -9.67
N TYR A 661 20.97 1.42 -9.78
CA TYR A 661 20.18 0.48 -8.98
C TYR A 661 20.31 0.74 -7.48
N ALA A 662 21.45 1.30 -7.06
CA ALA A 662 21.69 1.60 -5.65
C ALA A 662 20.47 2.33 -5.13
N GLU A 663 19.95 3.25 -5.93
CA GLU A 663 18.75 4.00 -5.55
C GLU A 663 17.65 3.47 -6.47
N TYR A 664 17.18 2.27 -6.15
CA TYR A 664 16.15 1.60 -6.92
C TYR A 664 15.04 2.48 -7.50
N GLN A 665 14.73 3.59 -6.83
CA GLN A 665 13.68 4.48 -7.33
C GLN A 665 14.02 5.06 -8.69
N VAL A 666 15.18 5.70 -8.81
CA VAL A 666 15.59 6.28 -10.08
C VAL A 666 15.80 5.17 -11.10
N CYS A 667 16.28 4.03 -10.62
CA CYS A 667 16.51 2.89 -11.50
C CYS A 667 15.19 2.41 -12.10
N LEU A 668 14.13 2.47 -11.31
CA LEU A 668 12.80 2.05 -11.75
C LEU A 668 12.24 2.99 -12.79
N ALA A 669 12.51 4.27 -12.66
CA ALA A 669 12.02 5.25 -13.62
C ALA A 669 12.70 5.00 -14.97
N ALA A 670 13.99 4.66 -14.93
CA ALA A 670 14.76 4.37 -16.14
C ALA A 670 14.18 3.15 -16.86
N VAL A 671 13.98 2.07 -16.12
CA VAL A 671 13.41 0.85 -16.70
C VAL A 671 12.10 1.25 -17.35
N GLY A 672 11.27 1.96 -16.60
CA GLY A 672 10.01 2.41 -17.14
C GLY A 672 10.25 3.20 -18.41
N LEU A 673 11.32 3.99 -18.42
CA LEU A 673 11.64 4.82 -19.59
C LEU A 673 11.95 3.98 -20.84
N VAL A 674 12.69 2.89 -20.67
CA VAL A 674 13.01 1.98 -21.77
C VAL A 674 11.70 1.54 -22.44
N GLY A 675 10.73 1.20 -21.61
CA GLY A 675 9.44 0.76 -22.09
C GLY A 675 8.73 1.80 -22.92
N ASP A 676 8.93 3.06 -22.56
CA ASP A 676 8.31 4.15 -23.31
C ASP A 676 9.11 4.38 -24.59
N LEU A 677 10.42 4.16 -24.50
CA LEU A 677 11.29 4.33 -25.65
C LEU A 677 10.91 3.28 -26.70
N CYS A 678 10.58 2.08 -26.24
CA CYS A 678 10.16 0.99 -27.12
C CYS A 678 8.90 1.37 -27.87
N ARG A 679 7.91 1.88 -27.16
CA ARG A 679 6.64 2.24 -27.79
C ARG A 679 6.74 3.44 -28.72
N ALA A 680 7.65 4.36 -28.42
CA ALA A 680 7.81 5.54 -29.26
C ALA A 680 8.69 5.29 -30.48
N LEU A 681 9.81 4.59 -30.30
CA LEU A 681 10.74 4.33 -31.39
C LEU A 681 10.45 3.10 -32.24
N GLN A 682 9.85 2.08 -31.63
CA GLN A 682 9.54 0.85 -32.36
C GLN A 682 10.87 0.22 -32.75
N SER A 683 10.96 -0.25 -33.99
CA SER A 683 12.18 -0.89 -34.48
C SER A 683 13.43 0.01 -34.44
N ASN A 684 13.22 1.33 -34.42
CA ASN A 684 14.36 2.24 -34.37
C ASN A 684 15.17 2.14 -33.08
N ILE A 685 14.70 1.31 -32.15
CA ILE A 685 15.42 1.15 -30.88
C ILE A 685 16.39 -0.03 -30.95
N ILE A 686 16.30 -0.80 -32.02
CA ILE A 686 17.16 -1.96 -32.22
C ILE A 686 18.63 -1.63 -32.00
N PRO A 687 19.13 -0.56 -32.63
CA PRO A 687 20.55 -0.21 -32.44
C PRO A 687 20.98 0.07 -31.00
N PHE A 688 20.04 0.41 -30.12
CA PHE A 688 20.38 0.70 -28.72
C PHE A 688 20.10 -0.46 -27.77
N CYS A 689 19.47 -1.52 -28.28
CA CYS A 689 19.09 -2.69 -27.49
C CYS A 689 20.17 -3.57 -26.87
N ASP A 690 21.30 -3.73 -27.54
CA ASP A 690 22.36 -4.58 -26.99
C ASP A 690 22.87 -4.02 -25.67
N GLU A 691 22.97 -2.70 -25.61
CA GLU A 691 23.45 -2.01 -24.42
C GLU A 691 22.42 -2.08 -23.29
N VAL A 692 21.18 -1.69 -23.60
CA VAL A 692 20.12 -1.71 -22.62
C VAL A 692 19.91 -3.12 -22.06
N MET A 693 19.86 -4.12 -22.94
CA MET A 693 19.66 -5.51 -22.53
C MET A 693 20.81 -5.97 -21.62
N GLN A 694 22.00 -5.46 -21.91
CA GLN A 694 23.20 -5.81 -21.15
C GLN A 694 23.04 -5.37 -19.70
N LEU A 695 22.66 -4.11 -19.52
CA LEU A 695 22.46 -3.56 -18.18
C LEU A 695 21.28 -4.19 -17.45
N LEU A 696 20.20 -4.46 -18.18
CA LEU A 696 19.01 -5.05 -17.57
C LEU A 696 19.28 -6.46 -17.04
N LEU A 697 20.02 -7.25 -17.83
CA LEU A 697 20.34 -8.61 -17.43
C LEU A 697 21.31 -8.59 -16.25
N GLU A 698 22.19 -7.61 -16.22
CA GLU A 698 23.15 -7.48 -15.13
C GLU A 698 22.41 -7.18 -13.84
N ASN A 699 21.42 -6.28 -13.91
CA ASN A 699 20.64 -5.94 -12.73
C ASN A 699 19.94 -7.17 -12.17
N LEU A 700 19.31 -7.94 -13.06
CA LEU A 700 18.61 -9.14 -12.66
C LEU A 700 19.50 -10.10 -11.88
N GLY A 701 20.66 -10.41 -12.42
CA GLY A 701 21.57 -11.32 -11.75
C GLY A 701 22.37 -10.70 -10.61
N ASN A 702 22.07 -9.44 -10.29
CA ASN A 702 22.77 -8.74 -9.23
C ASN A 702 21.93 -8.80 -7.95
N GLU A 703 22.31 -9.71 -7.04
CA GLU A 703 21.58 -9.89 -5.79
C GLU A 703 21.66 -8.73 -4.82
N ASN A 704 22.11 -7.58 -5.28
CA ASN A 704 22.19 -6.40 -4.43
C ASN A 704 21.12 -5.39 -4.85
N VAL A 705 20.45 -5.69 -5.96
CA VAL A 705 19.40 -4.83 -6.48
C VAL A 705 18.10 -5.05 -5.73
N HIS A 706 17.39 -3.97 -5.41
CA HIS A 706 16.13 -4.07 -4.69
C HIS A 706 15.18 -4.99 -5.43
N ARG A 707 14.33 -5.70 -4.68
CA ARG A 707 13.40 -6.65 -5.28
C ARG A 707 12.35 -6.03 -6.21
N SER A 708 11.91 -4.81 -5.91
CA SER A 708 10.89 -4.17 -6.73
C SER A 708 11.35 -3.75 -8.12
N VAL A 709 12.60 -3.98 -8.45
CA VAL A 709 13.08 -3.63 -9.77
C VAL A 709 12.93 -4.83 -10.70
N LYS A 710 13.09 -6.02 -10.13
CA LYS A 710 13.00 -7.27 -10.89
C LYS A 710 11.79 -7.35 -11.84
N PRO A 711 10.57 -7.30 -11.31
CA PRO A 711 9.39 -7.38 -12.20
C PRO A 711 9.28 -6.26 -13.23
N GLN A 712 9.78 -5.07 -12.91
CA GLN A 712 9.72 -3.95 -13.86
C GLN A 712 10.60 -4.28 -15.07
N ILE A 713 11.72 -4.94 -14.80
CA ILE A 713 12.66 -5.36 -15.83
C ILE A 713 12.09 -6.49 -16.68
N LEU A 714 11.52 -7.51 -16.04
CA LEU A 714 10.96 -8.63 -16.80
C LEU A 714 9.89 -8.14 -17.76
N SER A 715 9.08 -7.21 -17.27
CA SER A 715 8.01 -6.63 -18.07
C SER A 715 8.56 -5.84 -19.25
N VAL A 716 9.75 -5.25 -19.08
CA VAL A 716 10.33 -4.46 -20.15
C VAL A 716 10.86 -5.37 -21.26
N PHE A 717 11.22 -6.60 -20.91
CA PHE A 717 11.68 -7.57 -21.89
C PHE A 717 10.58 -7.77 -22.92
N GLY A 718 9.34 -7.72 -22.44
CA GLY A 718 8.18 -7.86 -23.30
C GLY A 718 8.05 -6.66 -24.21
N ASP A 719 8.28 -5.46 -23.68
CA ASP A 719 8.21 -4.26 -24.51
C ASP A 719 9.28 -4.28 -25.60
N ILE A 720 10.50 -4.68 -25.23
CA ILE A 720 11.59 -4.77 -26.20
C ILE A 720 11.29 -5.80 -27.30
N ALA A 721 10.79 -6.98 -26.91
CA ALA A 721 10.46 -8.01 -27.88
C ALA A 721 9.44 -7.47 -28.86
N LEU A 722 8.42 -6.76 -28.34
CA LEU A 722 7.38 -6.18 -29.18
C LEU A 722 7.96 -5.16 -30.16
N ALA A 723 8.88 -4.35 -29.68
CA ALA A 723 9.47 -3.31 -30.50
C ALA A 723 10.50 -3.80 -31.52
N ILE A 724 11.32 -4.78 -31.15
CA ILE A 724 12.35 -5.27 -32.05
C ILE A 724 12.06 -6.59 -32.78
N GLY A 725 10.98 -7.27 -32.38
CA GLY A 725 10.58 -8.53 -33.00
C GLY A 725 11.63 -9.60 -33.21
N GLY A 726 11.84 -9.96 -34.48
CA GLY A 726 12.80 -10.99 -34.84
C GLY A 726 14.18 -10.81 -34.22
N GLU A 727 14.64 -9.57 -34.12
CA GLU A 727 15.93 -9.29 -33.51
C GLU A 727 16.00 -9.80 -32.07
N PHE A 728 14.85 -10.13 -31.49
CA PHE A 728 14.84 -10.61 -30.11
C PHE A 728 15.35 -12.05 -29.98
N LYS A 729 15.45 -12.77 -31.10
CA LYS A 729 15.91 -14.17 -31.06
C LYS A 729 17.19 -14.38 -30.26
N LYS A 730 18.13 -13.45 -30.40
CA LYS A 730 19.41 -13.53 -29.69
C LYS A 730 19.28 -13.77 -28.19
N TYR A 731 18.36 -13.03 -27.56
CA TYR A 731 18.15 -13.10 -26.12
C TYR A 731 17.21 -14.17 -25.62
N LEU A 732 16.45 -14.79 -26.52
CA LEU A 732 15.49 -15.80 -26.12
C LEU A 732 15.99 -16.81 -25.11
N GLU A 733 17.17 -17.36 -25.33
CA GLU A 733 17.69 -18.35 -24.42
C GLU A 733 17.85 -17.78 -23.01
N VAL A 734 18.54 -16.65 -22.90
CA VAL A 734 18.76 -16.04 -21.59
C VAL A 734 17.46 -15.54 -20.95
N VAL A 735 16.60 -14.92 -21.76
CA VAL A 735 15.35 -14.40 -21.25
C VAL A 735 14.37 -15.51 -20.83
N LEU A 736 14.20 -16.53 -21.64
CA LEU A 736 13.27 -17.61 -21.28
C LEU A 736 13.78 -18.36 -20.03
N ASN A 737 15.09 -18.58 -19.94
CA ASN A 737 15.62 -19.26 -18.77
C ASN A 737 15.32 -18.43 -17.53
N THR A 738 15.53 -17.11 -17.64
CA THR A 738 15.25 -16.20 -16.53
C THR A 738 13.77 -16.24 -16.17
N LEU A 739 12.91 -16.25 -17.18
CA LEU A 739 11.47 -16.28 -16.95
C LEU A 739 11.01 -17.57 -16.29
N GLN A 740 11.64 -18.68 -16.64
CA GLN A 740 11.28 -19.96 -16.05
C GLN A 740 11.58 -19.91 -14.55
N GLN A 741 12.74 -19.36 -14.20
CA GLN A 741 13.16 -19.22 -12.81
C GLN A 741 12.18 -18.34 -12.04
N ALA A 742 11.95 -17.13 -12.55
CA ALA A 742 11.05 -16.19 -11.92
C ALA A 742 9.70 -16.83 -11.68
N SER A 743 9.12 -17.38 -12.75
CA SER A 743 7.81 -18.01 -12.68
C SER A 743 7.72 -19.06 -11.60
N GLN A 744 8.87 -19.59 -11.17
CA GLN A 744 8.88 -20.61 -10.15
C GLN A 744 9.16 -20.04 -8.76
N ALA A 745 9.13 -18.71 -8.66
CA ALA A 745 9.36 -18.04 -7.38
C ALA A 745 8.23 -18.41 -6.43
N GLN A 746 8.58 -18.64 -5.17
CA GLN A 746 7.58 -18.96 -4.16
C GLN A 746 7.98 -18.33 -2.84
N VAL A 747 7.07 -17.51 -2.31
CA VAL A 747 7.28 -16.83 -1.05
C VAL A 747 6.38 -17.48 -0.02
N ASP A 748 6.48 -17.06 1.25
CA ASP A 748 5.62 -17.63 2.26
C ASP A 748 4.28 -16.91 2.16
N LYS A 749 3.24 -17.64 1.77
CA LYS A 749 1.91 -17.08 1.61
C LYS A 749 1.42 -16.44 2.91
N SER A 750 2.26 -16.47 3.93
CA SER A 750 1.93 -15.89 5.23
C SER A 750 2.19 -14.39 5.24
N ASP A 751 3.17 -13.94 4.44
CA ASP A 751 3.53 -12.53 4.38
C ASP A 751 2.73 -11.79 3.31
N TYR A 752 1.95 -10.81 3.73
CA TYR A 752 1.11 -10.01 2.83
C TYR A 752 1.93 -9.16 1.86
N ASP A 753 3.06 -8.63 2.33
CA ASP A 753 3.92 -7.81 1.49
C ASP A 753 4.63 -8.63 0.44
N MET A 754 5.05 -9.83 0.83
CA MET A 754 5.74 -10.74 -0.08
C MET A 754 4.75 -11.37 -1.04
N VAL A 755 3.49 -11.47 -0.62
CA VAL A 755 2.45 -12.03 -1.45
C VAL A 755 2.17 -11.05 -2.59
N ASP A 756 1.98 -9.77 -2.26
CA ASP A 756 1.73 -8.78 -3.29
C ASP A 756 2.94 -8.78 -4.23
N TYR A 757 4.13 -8.92 -3.66
CA TYR A 757 5.32 -8.95 -4.48
C TYR A 757 5.24 -10.10 -5.49
N LEU A 758 4.85 -11.27 -5.00
CA LEU A 758 4.74 -12.44 -5.87
C LEU A 758 3.75 -12.20 -7.01
N ASN A 759 2.63 -11.57 -6.68
CA ASN A 759 1.62 -11.26 -7.69
C ASN A 759 2.18 -10.32 -8.75
N GLU A 760 2.89 -9.28 -8.32
CA GLU A 760 3.49 -8.30 -9.21
C GLU A 760 4.46 -9.01 -10.15
N LEU A 761 5.30 -9.86 -9.58
CA LEU A 761 6.29 -10.64 -10.32
C LEU A 761 5.61 -11.57 -11.34
N ARG A 762 4.58 -12.28 -10.90
CA ARG A 762 3.84 -13.21 -11.77
C ARG A 762 3.21 -12.45 -12.92
N GLU A 763 2.66 -11.29 -12.62
CA GLU A 763 2.06 -10.49 -13.66
C GLU A 763 3.16 -10.10 -14.65
N SER A 764 4.32 -9.69 -14.14
CA SER A 764 5.42 -9.28 -15.00
C SER A 764 5.89 -10.41 -15.91
N CYS A 765 5.93 -11.64 -15.40
CA CYS A 765 6.33 -12.78 -16.22
C CYS A 765 5.33 -12.96 -17.35
N LEU A 766 4.05 -12.90 -16.99
CA LEU A 766 2.97 -13.03 -17.97
C LEU A 766 3.09 -11.96 -19.06
N GLU A 767 3.47 -10.74 -18.69
CA GLU A 767 3.63 -9.69 -19.69
C GLU A 767 4.84 -9.94 -20.59
N ALA A 768 5.94 -10.41 -20.02
CA ALA A 768 7.13 -10.71 -20.82
C ALA A 768 6.73 -11.75 -21.87
N TYR A 769 6.12 -12.84 -21.41
CA TYR A 769 5.67 -13.91 -22.33
C TYR A 769 4.79 -13.35 -23.44
N THR A 770 3.83 -12.51 -23.05
CA THR A 770 2.92 -11.86 -23.98
C THR A 770 3.70 -11.04 -25.01
N GLY A 771 4.70 -10.31 -24.54
CA GLY A 771 5.52 -9.50 -25.41
C GLY A 771 6.34 -10.34 -26.37
N ILE A 772 6.92 -11.43 -25.87
CA ILE A 772 7.72 -12.32 -26.70
C ILE A 772 6.86 -12.99 -27.79
N VAL A 773 5.73 -13.58 -27.38
CA VAL A 773 4.83 -14.27 -28.32
C VAL A 773 4.35 -13.28 -29.40
N GLN A 774 3.84 -12.13 -28.98
CA GLN A 774 3.37 -11.12 -29.93
C GLN A 774 4.48 -10.58 -30.82
N GLY A 775 5.64 -10.32 -30.23
CA GLY A 775 6.73 -9.79 -31.00
C GLY A 775 7.25 -10.73 -32.08
N LEU A 776 7.26 -12.02 -31.78
CA LEU A 776 7.71 -13.04 -32.72
C LEU A 776 6.66 -13.35 -33.79
N LYS A 777 5.39 -13.28 -33.41
CA LYS A 777 4.31 -13.55 -34.35
C LYS A 777 4.24 -12.46 -35.42
N GLY A 778 4.52 -11.23 -35.00
CA GLY A 778 4.47 -10.11 -35.93
C GLY A 778 3.12 -9.43 -35.77
N ASP A 779 3.00 -8.22 -36.29
CA ASP A 779 1.74 -7.47 -36.21
C ASP A 779 0.90 -7.59 -37.48
N GLN A 780 0.92 -8.76 -38.09
CA GLN A 780 0.17 -8.99 -39.32
C GLN A 780 -0.74 -10.20 -39.25
N GLU A 781 -1.62 -10.31 -40.24
CA GLU A 781 -2.57 -11.42 -40.32
C GLU A 781 -1.85 -12.67 -40.86
N ASN A 782 -0.60 -12.82 -40.46
CA ASN A 782 0.20 -13.96 -40.87
C ASN A 782 1.22 -14.31 -39.80
N VAL A 783 0.93 -15.33 -39.02
CA VAL A 783 1.82 -15.77 -37.95
C VAL A 783 3.19 -16.11 -38.52
N HIS A 784 4.20 -15.37 -38.07
CA HIS A 784 5.57 -15.55 -38.52
C HIS A 784 6.20 -16.80 -37.90
N PRO A 785 6.93 -17.60 -38.70
CA PRO A 785 7.60 -18.83 -38.28
C PRO A 785 8.39 -18.75 -36.97
N ASP A 786 9.05 -17.61 -36.73
CA ASP A 786 9.84 -17.43 -35.52
C ASP A 786 9.08 -17.75 -34.24
N VAL A 787 7.77 -17.58 -34.25
CA VAL A 787 6.95 -17.89 -33.07
C VAL A 787 7.24 -19.32 -32.66
N MET A 788 7.49 -20.16 -33.66
CA MET A 788 7.75 -21.57 -33.43
C MET A 788 8.93 -21.84 -32.51
N LEU A 789 9.84 -20.86 -32.41
CA LEU A 789 11.00 -21.02 -31.54
C LEU A 789 10.55 -21.18 -30.09
N VAL A 790 9.45 -20.53 -29.73
CA VAL A 790 8.91 -20.57 -28.36
C VAL A 790 7.76 -21.58 -28.23
N GLN A 791 7.40 -22.22 -29.33
CA GLN A 791 6.32 -23.18 -29.31
C GLN A 791 6.55 -24.33 -28.30
N PRO A 792 7.80 -24.78 -28.12
CA PRO A 792 8.00 -25.86 -27.14
C PRO A 792 7.91 -25.37 -25.70
N ARG A 793 7.61 -24.08 -25.52
CA ARG A 793 7.47 -23.48 -24.20
C ARG A 793 6.00 -23.28 -23.81
N VAL A 794 5.10 -23.51 -24.77
CA VAL A 794 3.68 -23.35 -24.51
C VAL A 794 3.13 -24.12 -23.32
N GLU A 795 3.48 -25.39 -23.18
CA GLU A 795 2.97 -26.18 -22.06
C GLU A 795 3.41 -25.58 -20.71
N PHE A 796 4.68 -25.19 -20.61
CA PHE A 796 5.18 -24.59 -19.38
C PHE A 796 4.31 -23.40 -19.04
N ILE A 797 4.15 -22.50 -20.01
CA ILE A 797 3.35 -21.30 -19.79
C ILE A 797 1.94 -21.62 -19.30
N LEU A 798 1.24 -22.47 -20.04
CA LEU A 798 -0.11 -22.89 -19.68
C LEU A 798 -0.14 -23.50 -18.29
N SER A 799 0.87 -24.32 -18.00
CA SER A 799 0.95 -24.96 -16.68
C SER A 799 1.20 -23.90 -15.60
N PHE A 800 2.04 -22.92 -15.91
CA PHE A 800 2.35 -21.83 -14.99
C PHE A 800 1.06 -21.05 -14.69
N ILE A 801 0.22 -20.87 -15.69
CA ILE A 801 -1.05 -20.16 -15.47
C ILE A 801 -1.99 -21.06 -14.70
N ASP A 802 -1.87 -22.36 -14.94
CA ASP A 802 -2.70 -23.36 -14.26
C ASP A 802 -2.48 -23.19 -12.76
N HIS A 803 -1.21 -23.26 -12.35
CA HIS A 803 -0.84 -23.11 -10.94
C HIS A 803 -1.32 -21.75 -10.41
N ILE A 804 -1.16 -20.70 -11.21
CA ILE A 804 -1.61 -19.37 -10.79
C ILE A 804 -3.09 -19.46 -10.51
N ALA A 805 -3.81 -20.17 -11.37
CA ALA A 805 -5.25 -20.33 -11.20
C ALA A 805 -5.55 -21.01 -9.87
N GLY A 806 -4.87 -22.12 -9.61
CA GLY A 806 -5.08 -22.83 -8.36
C GLY A 806 -4.32 -22.18 -7.22
N ASP A 807 -4.57 -20.90 -7.02
CA ASP A 807 -3.92 -20.12 -5.97
C ASP A 807 -4.89 -19.03 -5.51
N GLU A 808 -5.40 -19.19 -4.29
CA GLU A 808 -6.36 -18.24 -3.73
C GLU A 808 -5.90 -16.78 -3.73
N ASP A 809 -4.60 -16.55 -3.90
CA ASP A 809 -4.09 -15.18 -3.91
C ASP A 809 -4.61 -14.43 -5.13
N HIS A 810 -4.02 -14.66 -6.28
CA HIS A 810 -4.47 -14.00 -7.50
C HIS A 810 -4.40 -12.48 -7.42
N THR A 811 -5.37 -11.87 -8.11
CA THR A 811 -5.56 -10.44 -8.23
C THR A 811 -6.08 -10.26 -9.65
N ASP A 812 -7.04 -9.35 -9.83
CA ASP A 812 -7.59 -9.12 -11.15
C ASP A 812 -6.47 -8.82 -12.15
N GLY A 813 -5.37 -8.25 -11.64
CA GLY A 813 -4.24 -7.92 -12.49
C GLY A 813 -3.58 -9.16 -13.07
N VAL A 814 -3.38 -10.18 -12.23
CA VAL A 814 -2.78 -11.43 -12.70
C VAL A 814 -3.77 -12.15 -13.61
N VAL A 815 -5.04 -12.18 -13.21
CA VAL A 815 -6.05 -12.85 -14.00
C VAL A 815 -6.12 -12.20 -15.39
N ALA A 816 -6.04 -10.87 -15.43
CA ALA A 816 -6.08 -10.13 -16.68
C ALA A 816 -4.93 -10.50 -17.62
N CYS A 817 -3.70 -10.42 -17.11
CA CYS A 817 -2.53 -10.73 -17.92
C CYS A 817 -2.52 -12.18 -18.38
N ALA A 818 -2.95 -13.08 -17.50
CA ALA A 818 -2.98 -14.50 -17.85
C ALA A 818 -4.00 -14.74 -18.96
N ALA A 819 -5.12 -14.03 -18.89
CA ALA A 819 -6.17 -14.17 -19.91
C ALA A 819 -5.62 -13.65 -21.23
N GLY A 820 -4.97 -12.49 -21.16
CA GLY A 820 -4.38 -11.89 -22.34
C GLY A 820 -3.38 -12.82 -23.01
N LEU A 821 -2.59 -13.52 -22.20
CA LEU A 821 -1.58 -14.44 -22.71
C LEU A 821 -2.21 -15.67 -23.37
N ILE A 822 -3.27 -16.22 -22.76
CA ILE A 822 -3.92 -17.39 -23.35
C ILE A 822 -4.42 -17.01 -24.75
N GLY A 823 -5.02 -15.82 -24.84
CA GLY A 823 -5.53 -15.35 -26.11
C GLY A 823 -4.43 -15.15 -27.14
N ASP A 824 -3.26 -14.71 -26.68
CA ASP A 824 -2.11 -14.52 -27.58
C ASP A 824 -1.61 -15.87 -28.11
N LEU A 825 -1.58 -16.87 -27.25
CA LEU A 825 -1.13 -18.20 -27.68
C LEU A 825 -2.10 -18.77 -28.73
N CYS A 826 -3.40 -18.54 -28.55
CA CYS A 826 -4.41 -19.03 -29.50
C CYS A 826 -4.11 -18.48 -30.89
N THR A 827 -3.94 -17.16 -30.97
CA THR A 827 -3.65 -16.52 -32.25
C THR A 827 -2.27 -16.87 -32.81
N ALA A 828 -1.32 -17.22 -31.94
CA ALA A 828 0.03 -17.56 -32.40
C ALA A 828 0.22 -19.03 -32.78
N PHE A 829 -0.34 -19.95 -31.99
CA PHE A 829 -0.15 -21.37 -32.29
C PHE A 829 -1.39 -22.11 -32.79
N GLY A 830 -2.57 -21.55 -32.56
CA GLY A 830 -3.79 -22.17 -33.04
C GLY A 830 -4.36 -23.39 -32.34
N LYS A 831 -5.15 -24.12 -33.11
CA LYS A 831 -5.87 -25.33 -32.70
C LYS A 831 -5.34 -26.19 -31.55
N ASP A 832 -4.11 -26.69 -31.67
CA ASP A 832 -3.55 -27.53 -30.61
C ASP A 832 -3.58 -26.89 -29.21
N VAL A 833 -3.62 -25.57 -29.14
CA VAL A 833 -3.66 -24.89 -27.86
C VAL A 833 -4.95 -25.23 -27.07
N LEU A 834 -6.01 -25.57 -27.79
CA LEU A 834 -7.30 -25.88 -27.16
C LEU A 834 -7.24 -27.09 -26.21
N LYS A 835 -6.64 -28.17 -26.69
CA LYS A 835 -6.49 -29.41 -25.93
C LYS A 835 -5.67 -29.15 -24.66
N LEU A 836 -4.56 -28.46 -24.84
CA LEU A 836 -3.67 -28.17 -23.71
C LEU A 836 -4.39 -27.37 -22.62
N VAL A 837 -5.18 -26.38 -23.03
CA VAL A 837 -5.90 -25.57 -22.06
C VAL A 837 -6.96 -26.42 -21.38
N GLU A 838 -7.77 -27.12 -22.17
CA GLU A 838 -8.83 -27.96 -21.63
C GLU A 838 -8.30 -29.10 -20.75
N ALA A 839 -7.09 -29.56 -21.00
CA ALA A 839 -6.50 -30.63 -20.20
C ALA A 839 -6.06 -30.08 -18.85
N ARG A 840 -6.25 -28.78 -18.63
CA ARG A 840 -5.89 -28.12 -17.38
C ARG A 840 -7.06 -27.29 -16.86
N PRO A 841 -8.07 -27.95 -16.29
CA PRO A 841 -9.32 -27.42 -15.72
C PRO A 841 -9.31 -26.10 -14.94
N MET A 842 -8.23 -25.80 -14.24
CA MET A 842 -8.14 -24.57 -13.48
C MET A 842 -8.03 -23.32 -14.35
N ILE A 843 -7.56 -23.50 -15.58
CA ILE A 843 -7.43 -22.36 -16.49
C ILE A 843 -8.83 -21.92 -16.85
N HIS A 844 -9.71 -22.89 -17.08
CA HIS A 844 -11.10 -22.63 -17.42
C HIS A 844 -11.74 -21.81 -16.29
N GLU A 845 -11.40 -22.14 -15.06
CA GLU A 845 -11.93 -21.45 -13.89
C GLU A 845 -11.43 -20.00 -13.84
N LEU A 846 -10.17 -19.81 -14.24
CA LEU A 846 -9.57 -18.48 -14.24
C LEU A 846 -10.31 -17.59 -15.23
N LEU A 847 -10.64 -18.15 -16.38
CA LEU A 847 -11.36 -17.38 -17.40
C LEU A 847 -12.77 -17.01 -16.93
N THR A 848 -13.46 -17.97 -16.31
CA THR A 848 -14.79 -17.68 -15.79
C THR A 848 -14.71 -16.62 -14.70
N GLU A 849 -13.69 -16.73 -13.87
CA GLU A 849 -13.47 -15.78 -12.78
C GLU A 849 -13.22 -14.39 -13.35
N GLY A 850 -12.45 -14.31 -14.42
CA GLY A 850 -12.16 -13.03 -15.04
C GLY A 850 -13.37 -12.38 -15.69
N ARG A 851 -14.22 -13.19 -16.32
CA ARG A 851 -15.41 -12.67 -16.97
C ARG A 851 -16.41 -12.12 -15.96
N ARG A 852 -16.21 -12.46 -14.68
CA ARG A 852 -17.08 -11.99 -13.61
C ARG A 852 -16.53 -10.70 -13.01
N SER A 853 -15.20 -10.64 -12.90
CA SER A 853 -14.49 -9.49 -12.33
C SER A 853 -15.08 -8.12 -12.62
N LYS A 854 -14.76 -7.16 -11.76
CA LYS A 854 -15.22 -5.79 -11.92
C LYS A 854 -14.22 -5.04 -12.79
N THR A 855 -12.95 -5.42 -12.68
CA THR A 855 -11.88 -4.80 -13.47
C THR A 855 -12.15 -5.00 -14.95
N ASN A 856 -12.35 -3.90 -15.66
CA ASN A 856 -12.62 -3.93 -17.09
C ASN A 856 -11.51 -4.67 -17.86
N LYS A 857 -10.27 -4.47 -17.42
CA LYS A 857 -9.15 -5.11 -18.08
C LYS A 857 -9.26 -6.62 -17.96
N ALA A 858 -9.59 -7.10 -16.76
CA ALA A 858 -9.74 -8.52 -16.53
C ALA A 858 -10.97 -9.08 -17.26
N LYS A 859 -12.01 -8.25 -17.38
CA LYS A 859 -13.24 -8.66 -18.05
C LYS A 859 -13.12 -8.62 -19.56
N THR A 860 -12.37 -7.64 -20.07
CA THR A 860 -12.16 -7.52 -21.50
C THR A 860 -11.28 -8.66 -22.04
N LEU A 861 -10.08 -8.79 -21.47
CA LEU A 861 -9.13 -9.82 -21.89
C LEU A 861 -9.60 -11.25 -21.63
N ALA A 862 -10.30 -11.48 -20.51
CA ALA A 862 -10.77 -12.83 -20.22
C ALA A 862 -11.85 -13.21 -21.21
N ARG A 863 -12.62 -12.20 -21.61
CA ARG A 863 -13.71 -12.38 -22.56
C ARG A 863 -13.15 -12.56 -23.98
N TRP A 864 -12.16 -11.74 -24.32
CA TRP A 864 -11.52 -11.83 -25.63
C TRP A 864 -10.86 -13.19 -25.78
N ALA A 865 -10.21 -13.65 -24.71
CA ALA A 865 -9.53 -14.94 -24.72
C ALA A 865 -10.52 -16.06 -24.92
N THR A 866 -11.63 -16.03 -24.17
CA THR A 866 -12.66 -17.06 -24.27
C THR A 866 -13.10 -17.15 -25.72
N LYS A 867 -13.27 -16.00 -26.35
CA LYS A 867 -13.65 -15.95 -27.75
C LYS A 867 -12.62 -16.65 -28.64
N GLU A 868 -11.34 -16.26 -28.53
CA GLU A 868 -10.29 -16.86 -29.35
C GLU A 868 -10.29 -18.39 -29.27
N LEU A 869 -10.43 -18.90 -28.06
CA LEU A 869 -10.49 -20.34 -27.83
C LEU A 869 -11.68 -20.95 -28.58
N ARG A 870 -12.77 -20.18 -28.69
CA ARG A 870 -13.96 -20.66 -29.40
C ARG A 870 -13.66 -20.83 -30.88
N LYS A 871 -12.93 -19.87 -31.44
CA LYS A 871 -12.57 -19.91 -32.84
C LYS A 871 -11.71 -21.13 -33.17
N LEU A 872 -10.99 -21.64 -32.17
CA LEU A 872 -10.16 -22.81 -32.40
C LEU A 872 -11.09 -24.01 -32.43
N LYS A 873 -12.14 -23.94 -31.61
CA LYS A 873 -13.12 -25.01 -31.53
C LYS A 873 -13.87 -25.11 -32.85
N ASN A 874 -14.10 -23.94 -33.48
CA ASN A 874 -14.83 -23.88 -34.74
C ASN A 874 -13.94 -23.54 -35.93
N GLN A 875 -12.87 -24.30 -36.12
CA GLN A 875 -11.96 -24.06 -37.24
C GLN A 875 -11.27 -25.34 -37.67
N ALA A 876 -10.86 -25.37 -38.94
CA ALA A 876 -10.17 -26.53 -39.50
C ALA A 876 -8.71 -26.54 -39.07
N ARG B 1 5.32 12.67 -3.71
CA ARG B 1 6.28 11.71 -4.21
C ARG B 1 5.62 10.33 -4.30
N ARG B 2 4.38 10.25 -3.83
CA ARG B 2 3.63 8.99 -3.85
C ARG B 2 2.83 8.91 -5.15
N ARG B 3 2.13 9.99 -5.47
CA ARG B 3 1.32 10.04 -6.68
C ARG B 3 2.24 10.21 -7.90
N ARG B 4 3.40 10.82 -7.68
CA ARG B 4 4.35 11.05 -8.75
C ARG B 4 4.79 9.74 -9.39
N ILE B 5 4.75 8.67 -8.61
CA ILE B 5 5.17 7.35 -9.10
C ILE B 5 3.95 6.50 -9.44
N GLU B 6 3.20 6.14 -8.39
CA GLU B 6 2.02 5.30 -8.49
C GLU B 6 0.95 5.75 -9.49
N VAL B 7 0.86 7.05 -9.75
CA VAL B 7 -0.14 7.54 -10.70
C VAL B 7 0.43 7.59 -12.10
N ASN B 8 1.72 7.93 -12.23
CA ASN B 8 2.37 8.00 -13.53
C ASN B 8 2.61 6.60 -14.07
N VAL B 9 2.40 5.60 -13.22
CA VAL B 9 2.57 4.20 -13.60
C VAL B 9 1.28 3.69 -14.23
N GLU B 10 0.16 3.96 -13.57
CA GLU B 10 -1.14 3.54 -14.08
C GLU B 10 -1.27 4.00 -15.52
N LEU B 11 -1.03 5.29 -15.74
CA LEU B 11 -1.11 5.90 -17.06
C LEU B 11 -0.17 5.23 -18.06
N ARG B 12 0.88 4.59 -17.57
CA ARG B 12 1.82 3.91 -18.45
C ARG B 12 1.32 2.52 -18.79
N LYS B 13 0.87 1.79 -17.78
CA LYS B 13 0.35 0.45 -18.01
C LYS B 13 -0.74 0.55 -19.06
N ALA B 14 -1.49 1.65 -19.03
CA ALA B 14 -2.56 1.85 -19.99
C ALA B 14 -2.01 1.97 -21.41
N LYS B 15 -0.78 2.45 -21.53
CA LYS B 15 -0.15 2.60 -22.83
C LYS B 15 -0.06 1.24 -23.50
N LYS B 16 0.51 0.27 -22.79
CA LYS B 16 0.64 -1.08 -23.33
C LYS B 16 -0.74 -1.68 -23.62
N ASP B 17 -1.64 -1.55 -22.65
CA ASP B 17 -2.99 -2.09 -22.78
C ASP B 17 -3.66 -1.70 -24.10
N ASP B 18 -3.78 -0.40 -24.33
CA ASP B 18 -4.40 0.11 -25.55
C ASP B 18 -3.56 -0.27 -26.77
N GLN B 19 -2.27 -0.51 -26.54
CA GLN B 19 -1.36 -0.89 -27.61
C GLN B 19 -1.62 -2.33 -28.01
N MET B 20 -1.61 -3.24 -27.03
CA MET B 20 -1.85 -4.65 -27.28
C MET B 20 -3.27 -4.88 -27.79
N LEU B 21 -4.20 -4.06 -27.30
CA LEU B 21 -5.61 -4.16 -27.71
C LEU B 21 -5.84 -3.78 -29.16
N LYS B 22 -5.37 -2.61 -29.56
CA LYS B 22 -5.58 -2.17 -30.93
C LYS B 22 -4.67 -2.96 -31.87
N ARG B 23 -4.11 -4.05 -31.35
CA ARG B 23 -3.24 -4.94 -32.11
C ARG B 23 -3.80 -6.35 -32.05
N ARG B 24 -4.38 -6.69 -30.90
CA ARG B 24 -4.98 -8.01 -30.70
C ARG B 24 -6.28 -8.14 -31.49
#